data_4I1P
#
_entry.id   4I1P
#
_cell.length_a   178.243
_cell.length_b   53.482
_cell.length_c   78.740
_cell.angle_alpha   90.00
_cell.angle_beta   103.80
_cell.angle_gamma   90.00
#
_symmetry.space_group_name_H-M   'C 1 2 1'
#
loop_
_entity.id
_entity.type
_entity.pdbx_description
1 polymer 'Mucosa-associated lymphoid tissue lymphoma translocation protein 1'
2 polymer tetrapeptide
3 non-polymer 'ACETATE ION'
4 water water
#
loop_
_entity_poly.entity_id
_entity_poly.type
_entity_poly.pdbx_seq_one_letter_code
_entity_poly.pdbx_strand_id
1 'polypeptide(L)'
;MLAKDKVALLIGNMNYREHPKLKAPLVDVYELTNLLRQLDFKVVSLLDLTEYEMRNAVDEFLLLLDKGVYGLLYYAGHGY
ENFGNSFMVPVDAPNPYRSENCLCVQNILKLMQEKETGLNVFLLDMCRKRNDYDDTIPILDALKVTANIVFGYATCQGAE
AFEIQHSGLANGIFMKFLKDRLLEDKKITVLLDEVAEDMGKCHLTKGKQALEIRSSLSEKRALTDPIQGTEYSAESLVRN
LQWAKAHELPESMCLKFDCGVQIQLGFAAEFSNVMIIYTSIVYKPPEIIMCDAYVTDFPLDLDIDPKDANKGTPEETGSY
LVSKDLPKHCLYTRLSSLQKLKEHLVFTVCLSYQYSGLEDTVEDKQEVNVGKPLIAKLDMHRHHHHHH
;
A,C
2 'polypeptide(L)' ALRS(4AR) B,D
#
loop_
_chem_comp.id
_chem_comp.type
_chem_comp.name
_chem_comp.formula
ACT non-polymer 'ACETATE ION' 'C2 H3 O2 -1'
#
# COMPACT_ATOMS: atom_id res chain seq x y z
N MET A 1 -4.50 1.04 -31.74
CA MET A 1 -4.49 1.15 -30.29
C MET A 1 -3.21 1.82 -29.79
N LEU A 2 -3.35 2.73 -28.84
CA LEU A 2 -2.20 3.44 -28.28
C LEU A 2 -2.20 3.43 -26.76
N ALA A 3 -1.01 3.43 -26.17
CA ALA A 3 -0.86 3.42 -24.72
C ALA A 3 -0.15 4.68 -24.23
N LYS A 4 -0.71 5.32 -23.22
CA LYS A 4 -0.16 6.57 -22.70
C LYS A 4 1.28 6.35 -22.24
N ASP A 5 1.51 5.22 -21.58
CA ASP A 5 2.86 4.75 -21.30
C ASP A 5 2.89 3.23 -21.21
N LYS A 6 4.03 2.64 -21.53
CA LYS A 6 4.28 1.24 -21.22
C LYS A 6 5.37 1.01 -20.17
N VAL A 7 5.07 0.26 -19.12
CA VAL A 7 5.93 0.13 -17.96
C VAL A 7 6.01 -1.31 -17.46
N ALA A 8 7.24 -1.84 -17.30
CA ALA A 8 7.45 -3.19 -16.81
C ALA A 8 8.35 -3.27 -15.56
N LEU A 9 7.99 -4.16 -14.64
CA LEU A 9 8.86 -4.52 -13.53
C LEU A 9 9.22 -6.00 -13.66
N LEU A 10 10.52 -6.28 -13.69
CA LEU A 10 10.98 -7.66 -13.84
C LEU A 10 11.86 -8.02 -12.65
N ILE A 11 11.53 -9.13 -12.00
CA ILE A 11 12.29 -9.60 -10.87
C ILE A 11 12.75 -11.04 -11.06
N GLY A 12 14.02 -11.27 -10.81
CA GLY A 12 14.56 -12.62 -10.81
C GLY A 12 15.14 -12.90 -9.44
N ASN A 13 14.67 -13.98 -8.82
CA ASN A 13 15.21 -14.40 -7.54
C ASN A 13 15.80 -15.78 -7.70
N MET A 14 17.09 -15.92 -7.42
CA MET A 14 17.78 -17.19 -7.59
C MET A 14 18.46 -17.69 -6.33
N ASN A 15 19.25 -16.81 -5.71
CA ASN A 15 20.05 -17.19 -4.55
C ASN A 15 19.32 -17.15 -3.23
N TYR A 16 18.43 -18.10 -3.01
CA TYR A 16 17.74 -18.18 -1.74
C TYR A 16 18.69 -18.63 -0.63
N ARG A 17 18.53 -18.04 0.54
CA ARG A 17 19.36 -18.39 1.69
C ARG A 17 18.87 -19.64 2.40
N GLU A 18 17.56 -19.91 2.34
CA GLU A 18 17.00 -21.04 3.08
C GLU A 18 16.22 -22.03 2.21
N HIS A 19 16.34 -21.89 0.89
CA HIS A 19 15.64 -22.73 -0.08
C HIS A 19 16.56 -22.99 -1.27
N PRO A 20 16.24 -24.00 -2.11
CA PRO A 20 17.14 -24.32 -3.21
C PRO A 20 17.46 -23.11 -4.08
N LYS A 21 18.67 -23.03 -4.63
CA LYS A 21 19.06 -21.88 -5.43
C LYS A 21 18.73 -22.13 -6.90
N LEU A 22 18.45 -21.06 -7.64
CA LEU A 22 18.14 -21.17 -9.07
C LEU A 22 19.23 -20.48 -9.89
N LYS A 23 19.31 -20.79 -11.18
CA LYS A 23 20.34 -20.25 -12.06
C LYS A 23 19.82 -19.42 -13.23
N ALA A 24 18.72 -19.86 -13.84
CA ALA A 24 18.24 -19.22 -15.07
C ALA A 24 17.43 -17.90 -14.97
N PRO A 25 16.90 -17.54 -13.78
CA PRO A 25 16.23 -16.24 -13.75
C PRO A 25 17.08 -15.08 -14.26
N LEU A 26 18.40 -15.12 -14.09
CA LEU A 26 19.28 -14.05 -14.58
C LEU A 26 19.31 -13.86 -16.11
N VAL A 27 19.37 -14.96 -16.86
CA VAL A 27 19.19 -14.94 -18.30
C VAL A 27 17.76 -14.58 -18.71
N ASP A 28 16.76 -15.16 -18.05
CA ASP A 28 15.35 -14.91 -18.40
C ASP A 28 15.03 -13.43 -18.30
N VAL A 29 15.34 -12.87 -17.13
CA VAL A 29 15.14 -11.46 -16.84
C VAL A 29 15.93 -10.56 -17.76
N TYR A 30 17.20 -10.89 -18.01
CA TYR A 30 18.05 -10.08 -18.87
C TYR A 30 17.53 -10.03 -20.30
N GLU A 31 17.18 -11.20 -20.83
CA GLU A 31 16.72 -11.28 -22.20
C GLU A 31 15.33 -10.64 -22.38
N LEU A 32 14.46 -10.82 -21.39
CA LEU A 32 13.11 -10.24 -21.45
C LEU A 32 13.19 -8.71 -21.34
N THR A 33 14.11 -8.26 -20.50
CA THR A 33 14.35 -6.84 -20.33
C THR A 33 14.74 -6.25 -21.68
N ASN A 34 15.70 -6.90 -22.34
CA ASN A 34 16.05 -6.40 -23.68
C ASN A 34 14.90 -6.43 -24.70
N LEU A 35 14.12 -7.52 -24.77
CA LEU A 35 12.97 -7.53 -25.71
C LEU A 35 11.94 -6.44 -25.41
N LEU A 36 11.60 -6.29 -24.14
CA LEU A 36 10.69 -5.25 -23.72
C LEU A 36 11.20 -3.86 -24.06
N ARG A 37 12.51 -3.66 -23.93
CA ARG A 37 13.09 -2.36 -24.29
C ARG A 37 13.00 -2.12 -25.80
N GLN A 38 13.23 -3.16 -26.58
CA GLN A 38 12.96 -3.05 -28.02
C GLN A 38 11.53 -2.65 -28.30
N LEU A 39 10.57 -2.98 -27.42
CA LEU A 39 9.18 -2.52 -27.61
C LEU A 39 8.87 -1.20 -26.92
N ASP A 40 9.93 -0.50 -26.50
CA ASP A 40 9.83 0.83 -25.86
C ASP A 40 9.20 0.86 -24.46
N PHE A 41 9.22 -0.26 -23.75
CA PHE A 41 8.76 -0.28 -22.38
C PHE A 41 9.77 0.41 -21.51
N LYS A 42 9.32 1.23 -20.56
CA LYS A 42 10.20 1.69 -19.48
C LYS A 42 10.34 0.54 -18.46
N VAL A 43 11.50 -0.11 -18.45
CA VAL A 43 11.73 -1.33 -17.67
C VAL A 43 12.68 -1.17 -16.47
N VAL A 44 12.29 -1.75 -15.33
CA VAL A 44 13.18 -1.92 -14.18
C VAL A 44 13.48 -3.42 -13.97
N SER A 45 14.75 -3.80 -14.00
CA SER A 45 15.08 -5.21 -13.76
C SER A 45 15.99 -5.36 -12.55
N LEU A 46 15.60 -6.29 -11.67
CA LEU A 46 16.22 -6.47 -10.37
C LEU A 46 16.47 -7.95 -10.09
N LEU A 47 17.66 -8.27 -9.56
CA LEU A 47 17.98 -9.63 -9.13
C LEU A 47 17.94 -9.79 -7.62
N ASP A 48 17.55 -10.97 -7.17
CA ASP A 48 17.75 -11.38 -5.79
C ASP A 48 17.30 -10.38 -4.74
N LEU A 49 16.00 -10.12 -4.70
CA LEU A 49 15.41 -9.20 -3.74
C LEU A 49 14.84 -9.88 -2.50
N THR A 50 14.89 -9.15 -1.38
CA THR A 50 14.27 -9.57 -0.15
C THR A 50 12.80 -9.14 -0.16
N GLU A 51 12.04 -9.50 0.87
CA GLU A 51 10.62 -9.15 0.93
C GLU A 51 10.46 -7.65 0.89
N TYR A 52 11.29 -6.98 1.69
CA TYR A 52 11.29 -5.53 1.82
C TYR A 52 11.59 -4.88 0.48
N GLU A 53 12.65 -5.37 -0.17
CA GLU A 53 13.07 -4.85 -1.46
C GLU A 53 12.01 -5.10 -2.54
N MET A 54 11.42 -6.29 -2.54
CA MET A 54 10.38 -6.63 -3.50
C MET A 54 9.18 -5.70 -3.33
N ARG A 55 8.79 -5.41 -2.12
CA ARG A 55 7.70 -4.50 -1.89
C ARG A 55 8.03 -3.10 -2.36
N ASN A 56 9.24 -2.66 -2.09
CA ASN A 56 9.67 -1.34 -2.52
C ASN A 56 9.71 -1.23 -4.01
N ALA A 57 10.18 -2.26 -4.68
CA ALA A 57 10.22 -2.26 -6.11
C ALA A 57 8.84 -2.17 -6.68
N VAL A 58 7.89 -2.88 -6.11
CA VAL A 58 6.52 -2.77 -6.52
C VAL A 58 5.93 -1.37 -6.29
N ASP A 59 6.29 -0.74 -5.19
CA ASP A 59 5.85 0.62 -4.92
C ASP A 59 6.35 1.61 -5.97
N GLU A 60 7.58 1.47 -6.40
CA GLU A 60 8.16 2.27 -7.48
C GLU A 60 7.45 2.05 -8.82
N PHE A 61 7.27 0.78 -9.20
CA PHE A 61 6.49 0.38 -10.37
C PHE A 61 5.12 1.07 -10.39
N LEU A 62 4.43 0.99 -9.26
CA LEU A 62 3.11 1.59 -9.13
C LEU A 62 3.15 3.09 -9.36
N LEU A 63 4.24 3.73 -9.01
CA LEU A 63 4.37 5.16 -9.21
C LEU A 63 4.34 5.58 -10.66
N LEU A 64 4.89 4.73 -11.52
CA LEU A 64 4.87 4.92 -12.96
C LEU A 64 3.45 4.87 -13.54
N LEU A 65 2.64 3.95 -13.00
CA LEU A 65 1.33 3.66 -13.56
C LEU A 65 0.38 4.85 -13.50
N ASP A 66 -0.42 5.00 -14.55
CA ASP A 66 -1.36 6.10 -14.66
C ASP A 66 -2.48 5.66 -15.57
N LYS A 67 -3.57 6.43 -15.61
CA LYS A 67 -4.70 5.99 -16.40
C LYS A 67 -4.22 5.79 -17.84
N GLY A 68 -4.60 4.65 -18.39
CA GLY A 68 -4.22 4.24 -19.73
C GLY A 68 -2.91 3.50 -19.90
N VAL A 69 -2.05 3.54 -18.87
CA VAL A 69 -0.69 2.98 -18.94
C VAL A 69 -0.74 1.45 -18.92
N TYR A 70 0.04 0.82 -19.80
CA TYR A 70 0.22 -0.63 -19.80
C TYR A 70 1.24 -1.04 -18.73
N GLY A 71 0.82 -1.78 -17.72
CA GLY A 71 1.74 -2.28 -16.71
C GLY A 71 1.96 -3.76 -16.84
N LEU A 72 3.23 -4.17 -16.78
CA LEU A 72 3.62 -5.58 -16.90
C LEU A 72 4.55 -6.02 -15.76
N LEU A 73 4.23 -7.14 -15.13
CA LEU A 73 5.12 -7.69 -14.11
C LEU A 73 5.59 -9.06 -14.58
N TYR A 74 6.92 -9.24 -14.61
CA TYR A 74 7.49 -10.57 -14.89
C TYR A 74 8.29 -11.01 -13.69
N TYR A 75 8.05 -12.25 -13.28
CA TYR A 75 8.75 -12.81 -12.14
C TYR A 75 9.28 -14.21 -12.38
N ALA A 76 10.60 -14.37 -12.25
CA ALA A 76 11.23 -15.68 -12.31
C ALA A 76 11.91 -15.94 -10.98
N GLY A 77 11.54 -17.06 -10.37
CA GLY A 77 11.92 -17.37 -9.01
C GLY A 77 10.93 -18.35 -8.39
N HIS A 78 11.14 -18.64 -7.11
CA HIS A 78 10.25 -19.51 -6.38
C HIS A 78 8.93 -18.83 -6.10
N GLY A 79 7.86 -19.59 -6.26
CA GLY A 79 6.54 -19.12 -5.93
C GLY A 79 5.68 -20.23 -5.40
N TYR A 80 4.50 -19.87 -4.89
CA TYR A 80 3.52 -20.88 -4.53
C TYR A 80 2.09 -20.38 -4.79
N GLU A 81 1.13 -21.28 -4.77
CA GLU A 81 -0.26 -20.91 -4.85
C GLU A 81 -1.13 -21.59 -3.81
N ASN A 82 -1.89 -20.80 -3.07
CA ASN A 82 -2.89 -21.26 -2.13
C ASN A 82 -4.23 -20.63 -2.46
N PHE A 83 -5.23 -21.48 -2.72
CA PHE A 83 -6.61 -21.08 -3.03
C PHE A 83 -6.75 -20.17 -4.25
N GLY A 84 -5.90 -20.39 -5.25
CA GLY A 84 -5.89 -19.56 -6.44
C GLY A 84 -5.18 -18.22 -6.26
N ASN A 85 -4.58 -17.99 -5.10
CA ASN A 85 -3.76 -16.80 -4.92
C ASN A 85 -2.30 -17.10 -5.18
N SER A 86 -1.66 -16.28 -6.01
CA SER A 86 -0.25 -16.49 -6.34
C SER A 86 0.68 -15.70 -5.40
N PHE A 87 1.70 -16.36 -4.89
CA PHE A 87 2.66 -15.70 -4.01
C PHE A 87 4.09 -15.82 -4.53
N MET A 88 4.82 -14.71 -4.50
CA MET A 88 6.23 -14.66 -4.88
C MET A 88 7.14 -14.73 -3.64
N VAL A 89 8.10 -15.66 -3.70
CA VAL A 89 8.98 -15.98 -2.59
C VAL A 89 10.35 -15.29 -2.71
N PRO A 90 10.62 -14.32 -1.84
CA PRO A 90 11.88 -13.54 -1.82
C PRO A 90 13.07 -14.39 -1.36
N VAL A 91 14.29 -13.93 -1.63
CA VAL A 91 15.48 -14.72 -1.29
C VAL A 91 15.75 -14.80 0.21
N ASP A 92 15.09 -13.97 1.00
CA ASP A 92 15.28 -13.98 2.45
C ASP A 92 14.18 -14.71 3.20
N ALA A 93 13.36 -15.48 2.49
CA ALA A 93 12.32 -16.27 3.15
C ALA A 93 12.93 -17.39 4.01
N PRO A 94 12.39 -17.59 5.22
CA PRO A 94 12.79 -18.69 6.09
C PRO A 94 12.23 -20.02 5.59
N ASN A 95 12.65 -21.10 6.23
CA ASN A 95 12.15 -22.43 5.87
C ASN A 95 11.72 -23.14 7.14
N PRO A 96 10.41 -23.27 7.35
CA PRO A 96 9.35 -22.92 6.39
C PRO A 96 9.01 -21.44 6.40
N TYR A 97 8.08 -21.06 5.54
CA TYR A 97 7.64 -19.67 5.46
C TYR A 97 6.12 -19.57 5.36
N ARG A 98 5.60 -18.36 5.51
CA ARG A 98 4.17 -18.11 5.55
C ARG A 98 3.87 -17.02 4.52
N SER A 99 2.60 -16.75 4.26
CA SER A 99 2.26 -15.69 3.32
C SER A 99 2.86 -14.31 3.66
N GLU A 100 2.99 -13.99 4.95
CA GLU A 100 3.50 -12.66 5.33
C GLU A 100 4.95 -12.42 4.93
N ASN A 101 5.67 -13.49 4.63
CA ASN A 101 7.01 -13.38 4.10
C ASN A 101 7.05 -13.21 2.57
N CYS A 102 5.89 -13.31 1.92
CA CYS A 102 5.86 -13.34 0.46
C CYS A 102 5.01 -12.22 -0.10
N LEU A 103 4.98 -12.09 -1.42
CA LEU A 103 4.16 -11.05 -2.00
C LEU A 103 3.04 -11.66 -2.81
N CYS A 104 1.82 -11.26 -2.49
CA CYS A 104 0.66 -11.77 -3.16
C CYS A 104 0.36 -11.00 -4.45
N VAL A 105 0.35 -11.70 -5.58
CA VAL A 105 0.21 -11.05 -6.88
C VAL A 105 -1.10 -10.29 -7.05
N GLN A 106 -2.17 -10.85 -6.49
CA GLN A 106 -3.51 -10.27 -6.64
C GLN A 106 -3.57 -8.88 -6.03
N ASN A 107 -2.92 -8.70 -4.89
CA ASN A 107 -2.91 -7.41 -4.22
C ASN A 107 -2.23 -6.38 -5.10
N ILE A 108 -1.16 -6.82 -5.75
CA ILE A 108 -0.50 -5.95 -6.69
C ILE A 108 -1.52 -5.58 -7.78
N LEU A 109 -2.29 -6.56 -8.27
CA LEU A 109 -3.31 -6.23 -9.27
C LEU A 109 -4.28 -5.16 -8.76
N LYS A 110 -4.75 -5.33 -7.52
CA LYS A 110 -5.69 -4.38 -6.93
C LYS A 110 -5.12 -2.97 -6.94
N LEU A 111 -3.89 -2.84 -6.48
CA LEU A 111 -3.22 -1.53 -6.49
C LEU A 111 -3.07 -0.96 -7.90
N MET A 112 -2.71 -1.82 -8.87
CA MET A 112 -2.64 -1.38 -10.26
C MET A 112 -3.95 -0.85 -10.79
N GLN A 113 -5.03 -1.56 -10.50
CA GLN A 113 -6.38 -1.16 -10.89
C GLN A 113 -6.73 0.18 -10.28
N GLU A 114 -6.25 0.44 -9.08
CA GLU A 114 -6.53 1.70 -8.47
C GLU A 114 -5.91 2.82 -9.27
N LYS A 115 -4.81 2.55 -9.93
CA LYS A 115 -4.19 3.51 -10.87
C LYS A 115 -4.89 3.64 -12.23
N GLU A 116 -5.91 2.84 -12.49
CA GLU A 116 -6.62 2.91 -13.79
C GLU A 116 -5.71 2.64 -14.99
N THR A 117 -4.92 1.58 -14.88
CA THR A 117 -4.12 1.13 -16.00
C THR A 117 -5.02 0.74 -17.16
N GLY A 118 -4.49 0.82 -18.38
CA GLY A 118 -5.24 0.40 -19.54
C GLY A 118 -5.04 -1.10 -19.76
N LEU A 119 -3.93 -1.63 -19.25
CA LEU A 119 -3.60 -3.05 -19.39
C LEU A 119 -2.80 -3.53 -18.21
N ASN A 120 -3.17 -4.70 -17.69
CA ASN A 120 -2.46 -5.32 -16.59
C ASN A 120 -1.94 -6.67 -17.08
N VAL A 121 -0.63 -6.85 -17.13
CA VAL A 121 -0.09 -8.13 -17.59
C VAL A 121 0.79 -8.77 -16.53
N PHE A 122 0.51 -10.02 -16.18
CA PHE A 122 1.31 -10.74 -15.20
C PHE A 122 1.84 -12.02 -15.83
N LEU A 123 3.16 -12.09 -15.90
CA LEU A 123 3.85 -13.24 -16.37
C LEU A 123 4.60 -13.81 -15.21
N LEU A 124 4.08 -14.91 -14.71
CA LEU A 124 4.54 -15.56 -13.50
C LEU A 124 5.21 -16.86 -13.84
N ASP A 125 6.53 -16.80 -13.87
CA ASP A 125 7.37 -17.90 -14.26
C ASP A 125 7.86 -18.57 -12.98
N MET A 126 6.95 -19.30 -12.34
CA MET A 126 7.20 -19.87 -11.02
C MET A 126 6.27 -21.05 -10.79
N CYS A 127 6.62 -21.87 -9.80
CA CYS A 127 5.79 -22.99 -9.42
C CYS A 127 4.46 -22.52 -8.85
N ARG A 128 3.44 -23.37 -8.98
CA ARG A 128 2.13 -23.01 -8.44
C ARG A 128 1.59 -24.09 -7.51
N LYS A 129 2.47 -24.75 -6.77
CA LYS A 129 2.02 -25.75 -5.82
C LYS A 129 1.63 -25.07 -4.52
N ARG A 130 1.07 -25.83 -3.60
CA ARG A 130 0.63 -25.29 -2.35
C ARG A 130 1.75 -25.23 -1.34
N ASN A 131 1.72 -24.23 -0.49
CA ASN A 131 2.60 -24.14 0.65
C ASN A 131 1.78 -24.47 1.87
N ASP A 132 1.91 -25.71 2.35
CA ASP A 132 1.09 -26.24 3.41
C ASP A 132 1.41 -25.67 4.79
N TYR A 133 2.59 -25.07 4.94
CA TYR A 133 2.90 -24.39 6.19
C TYR A 133 2.02 -23.15 6.36
N ASP A 134 1.74 -22.48 5.24
CA ASP A 134 0.89 -21.29 5.27
C ASP A 134 -0.57 -21.70 5.44
N ASP A 135 -1.09 -21.54 6.65
CA ASP A 135 -2.41 -22.03 7.00
C ASP A 135 -3.50 -20.97 6.92
N THR A 136 -3.14 -19.76 6.54
CA THR A 136 -4.09 -18.66 6.53
C THR A 136 -5.08 -18.84 5.39
N ILE A 137 -6.28 -18.31 5.60
CA ILE A 137 -7.34 -18.41 4.62
C ILE A 137 -7.76 -16.98 4.34
N PRO A 138 -7.04 -16.33 3.41
CA PRO A 138 -7.20 -14.91 3.18
C PRO A 138 -8.52 -14.56 2.53
N ILE A 139 -9.15 -13.50 3.03
CA ILE A 139 -10.34 -12.95 2.41
C ILE A 139 -9.90 -11.84 1.49
N LEU A 140 -9.35 -12.21 0.34
CA LEU A 140 -8.94 -11.20 -0.62
C LEU A 140 -10.20 -10.53 -1.15
N ASP A 141 -10.15 -9.21 -1.20
CA ASP A 141 -11.27 -8.42 -1.69
C ASP A 141 -11.47 -8.63 -3.18
N ALA A 142 -12.73 -8.67 -3.60
CA ALA A 142 -13.09 -8.93 -4.99
C ALA A 142 -12.61 -7.84 -5.93
N LEU A 143 -11.92 -8.23 -7.00
CA LEU A 143 -11.41 -7.24 -7.95
C LEU A 143 -12.52 -6.62 -8.76
N LYS A 144 -12.29 -5.38 -9.18
CA LYS A 144 -13.19 -4.64 -10.06
C LYS A 144 -13.11 -5.27 -11.44
N VAL A 145 -14.18 -5.18 -12.21
CA VAL A 145 -14.18 -5.78 -13.54
C VAL A 145 -13.54 -4.86 -14.57
N THR A 146 -12.22 -4.76 -14.53
CA THR A 146 -11.46 -3.92 -15.46
C THR A 146 -11.57 -4.31 -16.94
N ALA A 147 -11.51 -5.62 -17.22
CA ALA A 147 -11.52 -6.09 -18.61
C ALA A 147 -10.15 -5.87 -19.22
N ASN A 148 -9.17 -5.58 -18.36
CA ASN A 148 -7.81 -5.30 -18.79
C ASN A 148 -6.75 -6.29 -18.29
N ILE A 149 -7.19 -7.44 -17.79
CA ILE A 149 -6.29 -8.35 -17.10
C ILE A 149 -5.87 -9.59 -17.91
N VAL A 150 -4.56 -9.80 -17.98
CA VAL A 150 -3.99 -10.99 -18.60
C VAL A 150 -2.91 -11.59 -17.75
N PHE A 151 -3.10 -12.85 -17.41
CA PHE A 151 -2.15 -13.61 -16.66
C PHE A 151 -1.55 -14.64 -17.55
N GLY A 152 -0.23 -14.66 -17.63
CA GLY A 152 0.43 -15.74 -18.29
C GLY A 152 1.23 -16.49 -17.26
N TYR A 153 0.80 -17.68 -16.92
CA TYR A 153 1.45 -18.46 -15.91
C TYR A 153 2.29 -19.47 -16.65
N ALA A 154 3.54 -19.61 -16.26
CA ALA A 154 4.44 -20.57 -16.87
C ALA A 154 3.94 -22.01 -16.71
N THR A 155 3.24 -22.27 -15.61
CA THR A 155 2.68 -23.60 -15.37
C THR A 155 1.21 -23.55 -14.92
N CYS A 156 0.59 -24.72 -14.80
CA CYS A 156 -0.80 -24.82 -14.34
C CYS A 156 -0.87 -24.85 -12.82
N GLN A 157 -2.01 -24.43 -12.27
CA GLN A 157 -2.22 -24.51 -10.84
C GLN A 157 -1.98 -25.93 -10.30
N GLY A 158 -1.31 -26.02 -9.16
CA GLY A 158 -0.97 -27.29 -8.55
C GLY A 158 0.28 -27.95 -9.13
N ALA A 159 0.79 -27.40 -10.22
CA ALA A 159 1.95 -27.94 -10.91
C ALA A 159 3.23 -27.12 -10.69
N GLU A 160 4.29 -27.47 -11.42
CA GLU A 160 5.62 -26.87 -11.28
C GLU A 160 6.08 -26.16 -12.56
N ALA A 161 6.93 -25.14 -12.42
CA ALA A 161 7.59 -24.49 -13.55
C ALA A 161 9.09 -24.80 -13.48
N PHE A 162 9.73 -24.98 -14.64
CA PHE A 162 11.09 -25.54 -14.66
C PHE A 162 12.10 -24.69 -15.42
N GLU A 163 13.37 -24.93 -15.12
CA GLU A 163 14.51 -24.47 -15.90
C GLU A 163 15.45 -25.66 -16.16
N ILE A 164 16.30 -25.53 -17.14
CA ILE A 164 17.15 -26.63 -17.51
C ILE A 164 18.49 -26.57 -16.83
N GLN A 165 18.89 -27.71 -16.30
CA GLN A 165 20.14 -27.85 -15.62
C GLN A 165 21.19 -28.09 -16.67
N HIS A 166 21.64 -27.02 -17.27
CA HIS A 166 22.68 -27.12 -18.25
C HIS A 166 23.73 -26.15 -17.79
N SER A 167 24.98 -26.60 -17.79
CA SER A 167 26.11 -25.74 -17.47
C SER A 167 26.19 -24.67 -18.55
N GLY A 168 26.51 -23.45 -18.14
CA GLY A 168 26.50 -22.32 -19.07
C GLY A 168 25.08 -21.80 -19.18
N LEU A 169 24.88 -20.83 -20.06
CA LEU A 169 23.58 -20.20 -20.21
C LEU A 169 22.49 -21.15 -20.72
N ALA A 170 21.30 -21.01 -20.13
CA ALA A 170 20.09 -21.66 -20.60
C ALA A 170 18.87 -21.02 -19.97
N ASN A 171 17.89 -20.68 -20.80
CA ASN A 171 16.65 -20.16 -20.31
C ASN A 171 15.83 -21.18 -19.52
N GLY A 172 14.88 -20.71 -18.75
CA GLY A 172 13.82 -21.52 -18.21
C GLY A 172 12.84 -21.86 -19.32
N ILE A 173 12.00 -22.87 -19.13
CA ILE A 173 11.11 -23.38 -20.17
C ILE A 173 10.26 -22.28 -20.80
N PHE A 174 9.59 -21.54 -19.91
CA PHE A 174 8.72 -20.44 -20.30
C PHE A 174 9.43 -19.45 -21.22
N MET A 175 10.57 -18.92 -20.78
CA MET A 175 11.28 -17.90 -21.57
C MET A 175 11.84 -18.49 -22.85
N LYS A 176 12.31 -19.73 -22.76
CA LYS A 176 12.75 -20.48 -23.94
C LYS A 176 11.73 -20.29 -25.04
N PHE A 177 10.45 -20.46 -24.71
CA PHE A 177 9.46 -20.31 -25.78
C PHE A 177 8.92 -18.87 -25.98
N LEU A 178 8.78 -18.12 -24.89
CA LEU A 178 8.29 -16.75 -24.98
C LEU A 178 9.12 -15.85 -25.86
N LYS A 179 10.45 -15.94 -25.74
CA LYS A 179 11.32 -14.96 -26.39
C LYS A 179 11.21 -14.91 -27.91
N ASP A 180 10.87 -16.05 -28.53
CA ASP A 180 10.68 -16.11 -29.98
C ASP A 180 9.37 -15.50 -30.48
N ARG A 181 8.48 -15.17 -29.56
CA ARG A 181 7.15 -14.69 -29.94
C ARG A 181 6.89 -13.29 -29.48
N LEU A 182 7.64 -12.87 -28.46
CA LEU A 182 7.32 -11.67 -27.70
C LEU A 182 7.17 -10.39 -28.54
N LEU A 183 7.88 -10.31 -29.65
CA LEU A 183 7.87 -9.08 -30.43
C LEU A 183 6.77 -9.06 -31.47
N GLU A 184 5.93 -10.09 -31.50
CA GLU A 184 4.86 -10.15 -32.50
C GLU A 184 3.79 -9.09 -32.25
N ASP A 185 3.36 -8.47 -33.34
CA ASP A 185 2.27 -7.51 -33.33
C ASP A 185 0.89 -8.22 -33.32
N LYS A 186 0.55 -8.73 -32.15
CA LYS A 186 -0.64 -9.51 -31.91
C LYS A 186 -1.18 -9.19 -30.53
N LYS A 187 -2.48 -9.35 -30.35
CA LYS A 187 -3.06 -9.16 -29.04
C LYS A 187 -2.24 -10.07 -28.11
N ILE A 188 -1.88 -9.56 -26.94
CA ILE A 188 -1.06 -10.34 -26.00
C ILE A 188 -1.65 -11.74 -25.65
N THR A 189 -2.97 -11.84 -25.65
CA THR A 189 -3.65 -13.11 -25.36
C THR A 189 -3.35 -14.19 -26.42
N VAL A 190 -3.53 -13.80 -27.68
CA VAL A 190 -3.17 -14.63 -28.84
C VAL A 190 -1.68 -15.04 -28.80
N LEU A 191 -0.80 -14.07 -28.56
CA LEU A 191 0.62 -14.34 -28.48
C LEU A 191 0.90 -15.41 -27.44
N LEU A 192 0.36 -15.20 -26.24
CA LEU A 192 0.57 -16.18 -25.18
C LEU A 192 0.04 -17.56 -25.60
N ASP A 193 -1.10 -17.58 -26.29
CA ASP A 193 -1.71 -18.81 -26.81
C ASP A 193 -0.75 -19.58 -27.74
N GLU A 194 -0.13 -18.84 -28.67
CA GLU A 194 0.94 -19.41 -29.50
C GLU A 194 2.08 -19.96 -28.66
N VAL A 195 2.40 -19.26 -27.57
CA VAL A 195 3.44 -19.68 -26.64
C VAL A 195 3.07 -21.00 -25.98
N ALA A 196 1.79 -21.13 -25.63
CA ALA A 196 1.29 -22.36 -25.00
C ALA A 196 1.45 -23.52 -25.96
N GLU A 197 1.16 -23.27 -27.24
CA GLU A 197 1.32 -24.28 -28.27
C GLU A 197 2.79 -24.71 -28.41
N ASP A 198 3.70 -23.73 -28.48
CA ASP A 198 5.13 -24.02 -28.57
C ASP A 198 5.62 -24.89 -27.41
N MET A 199 5.27 -24.53 -26.17
CA MET A 199 5.62 -25.36 -25.00
C MET A 199 5.07 -26.78 -25.09
N GLY A 200 3.87 -26.94 -25.64
CA GLY A 200 3.29 -28.26 -25.72
C GLY A 200 4.16 -29.26 -26.47
N LYS A 201 4.98 -28.74 -27.38
CA LYS A 201 5.95 -29.52 -28.14
C LYS A 201 7.24 -29.85 -27.38
N CYS A 202 7.28 -29.57 -26.08
CA CYS A 202 8.46 -29.90 -25.30
C CYS A 202 8.29 -31.26 -24.66
N HIS A 203 9.11 -32.23 -25.10
CA HIS A 203 9.07 -33.58 -24.57
C HIS A 203 9.45 -33.62 -23.10
N LEU A 204 10.45 -32.82 -22.74
CA LEU A 204 10.97 -32.80 -21.39
C LEU A 204 9.90 -32.39 -20.40
N THR A 205 9.05 -31.44 -20.79
CA THR A 205 8.02 -30.95 -19.88
C THR A 205 6.62 -31.58 -20.02
N LYS A 206 6.42 -32.42 -21.02
CA LYS A 206 5.16 -33.11 -21.18
C LYS A 206 4.62 -33.70 -19.92
N GLY A 207 3.41 -33.33 -19.55
CA GLY A 207 2.77 -33.91 -18.37
C GLY A 207 3.25 -33.31 -17.06
N LYS A 208 4.25 -32.45 -17.12
CA LYS A 208 4.74 -31.78 -15.92
C LYS A 208 4.46 -30.31 -15.86
N GLN A 209 4.61 -29.64 -16.99
CA GLN A 209 4.46 -28.20 -17.09
C GLN A 209 3.77 -27.76 -18.38
N ALA A 210 2.72 -26.95 -18.27
CA ALA A 210 2.08 -26.34 -19.45
C ALA A 210 1.61 -24.92 -19.14
N LEU A 211 1.76 -24.00 -20.09
CA LEU A 211 1.39 -22.61 -19.88
C LEU A 211 -0.11 -22.54 -19.58
N GLU A 212 -0.50 -21.71 -18.62
CA GLU A 212 -1.91 -21.42 -18.40
C GLU A 212 -2.15 -19.93 -18.60
N ILE A 213 -3.15 -19.59 -19.40
CA ILE A 213 -3.46 -18.21 -19.68
C ILE A 213 -4.80 -17.90 -19.05
N ARG A 214 -4.88 -16.79 -18.33
CA ARG A 214 -6.15 -16.39 -17.74
C ARG A 214 -6.40 -14.95 -18.17
N SER A 215 -7.47 -14.71 -18.91
CA SER A 215 -7.66 -13.39 -19.47
C SER A 215 -9.09 -12.88 -19.38
N SER A 216 -9.20 -11.58 -19.17
CA SER A 216 -10.48 -10.90 -19.13
C SER A 216 -10.38 -9.67 -20.03
N LEU A 217 -9.33 -9.63 -20.87
CA LEU A 217 -9.07 -8.51 -21.76
C LEU A 217 -10.02 -8.43 -22.96
N SER A 218 -10.84 -7.38 -23.02
CA SER A 218 -11.87 -7.23 -24.05
C SER A 218 -11.51 -6.28 -25.19
N GLU A 219 -10.27 -5.85 -25.23
CA GLU A 219 -9.80 -5.02 -26.33
C GLU A 219 -8.51 -5.52 -26.95
N LYS A 220 -8.30 -5.14 -28.20
CA LYS A 220 -7.14 -5.56 -28.97
C LYS A 220 -5.85 -4.88 -28.55
N ARG A 221 -5.47 -5.08 -27.29
CA ARG A 221 -4.25 -4.47 -26.80
C ARG A 221 -3.05 -5.39 -26.99
N ALA A 222 -2.01 -4.83 -27.60
CA ALA A 222 -0.81 -5.58 -27.88
C ALA A 222 0.37 -4.88 -27.20
N LEU A 223 1.42 -5.64 -26.95
CA LEU A 223 2.62 -5.14 -26.32
C LEU A 223 3.35 -4.20 -27.29
N THR A 224 3.05 -4.34 -28.56
CA THR A 224 3.69 -3.55 -29.60
C THR A 224 2.89 -2.28 -29.89
N ASP A 225 1.89 -1.97 -29.08
CA ASP A 225 1.13 -0.74 -29.29
C ASP A 225 2.04 0.47 -29.09
N PRO A 226 1.91 1.47 -29.94
CA PRO A 226 2.70 2.66 -29.83
C PRO A 226 2.34 3.53 -28.66
N ILE A 227 3.32 4.15 -28.04
CA ILE A 227 3.09 5.09 -26.96
C ILE A 227 2.58 6.40 -27.52
N GLN A 228 1.50 6.90 -26.97
CA GLN A 228 0.98 8.15 -27.45
C GLN A 228 1.90 9.33 -27.21
N GLY A 229 2.37 9.45 -25.98
CA GLY A 229 3.37 10.43 -25.62
C GLY A 229 3.02 11.90 -25.72
N THR A 230 1.74 12.21 -25.72
CA THR A 230 1.27 13.57 -25.85
C THR A 230 0.84 14.24 -24.54
N GLU A 231 0.23 13.44 -23.67
CA GLU A 231 -0.52 13.95 -22.53
C GLU A 231 0.18 13.88 -21.18
N TYR A 232 1.50 13.70 -21.19
CA TYR A 232 2.20 13.54 -19.93
C TYR A 232 1.96 14.76 -19.06
N SER A 233 1.61 14.51 -17.81
CA SER A 233 1.56 15.56 -16.81
C SER A 233 3.00 15.90 -16.48
N ALA A 234 3.25 17.11 -16.00
CA ALA A 234 4.61 17.51 -15.75
C ALA A 234 5.21 16.57 -14.71
N GLU A 235 4.42 16.23 -13.69
CA GLU A 235 4.91 15.34 -12.67
C GLU A 235 5.29 14.02 -13.33
N SER A 236 4.53 13.56 -14.32
CA SER A 236 4.93 12.30 -14.96
C SER A 236 6.30 12.40 -15.65
N LEU A 237 6.52 13.51 -16.35
CA LEU A 237 7.75 13.70 -17.10
C LEU A 237 8.97 13.65 -16.18
N VAL A 238 8.83 14.27 -15.01
CA VAL A 238 9.88 14.23 -14.01
C VAL A 238 10.09 12.80 -13.54
N ARG A 239 9.00 12.08 -13.35
CA ARG A 239 9.06 10.67 -12.97
C ARG A 239 9.73 9.87 -14.08
N ASN A 240 9.40 10.21 -15.32
CA ASN A 240 10.01 9.59 -16.49
C ASN A 240 11.49 9.92 -16.56
N LEU A 241 11.84 11.17 -16.27
CA LEU A 241 13.23 11.60 -16.24
C LEU A 241 14.01 10.86 -15.15
N GLN A 242 13.38 10.70 -13.98
CA GLN A 242 13.99 9.99 -12.86
C GLN A 242 14.21 8.53 -13.24
N TRP A 243 13.22 7.96 -13.93
CA TRP A 243 13.32 6.59 -14.39
C TRP A 243 14.47 6.45 -15.35
N ALA A 244 14.62 7.44 -16.22
CA ALA A 244 15.72 7.45 -17.19
C ALA A 244 17.07 7.52 -16.48
N LYS A 245 17.13 8.31 -15.41
CA LYS A 245 18.34 8.42 -14.61
C LYS A 245 18.69 7.10 -13.96
N ALA A 246 17.67 6.39 -13.46
CA ALA A 246 17.87 5.08 -12.84
C ALA A 246 18.39 4.12 -13.90
N HIS A 247 17.83 4.27 -15.10
CA HIS A 247 18.16 3.48 -16.27
C HIS A 247 19.58 3.66 -16.69
N GLU A 248 20.13 4.85 -16.47
CA GLU A 248 21.45 5.21 -16.95
C GLU A 248 22.54 5.25 -15.87
N LEU A 249 23.62 4.52 -16.13
CA LEU A 249 24.80 4.52 -15.28
C LEU A 249 25.65 5.78 -15.47
N PRO A 250 26.44 6.15 -14.47
CA PRO A 250 27.31 7.33 -14.59
C PRO A 250 28.33 7.12 -15.70
N GLU A 251 28.59 8.15 -16.49
CA GLU A 251 29.53 8.03 -17.59
C GLU A 251 30.91 7.87 -17.04
N SER A 252 31.75 7.21 -17.81
CA SER A 252 33.08 6.90 -17.31
C SER A 252 33.93 8.15 -17.04
N MET A 253 34.70 8.10 -15.97
CA MET A 253 35.59 9.20 -15.58
C MET A 253 37.06 8.82 -15.62
N CYS A 254 37.87 9.69 -16.24
CA CYS A 254 39.33 9.53 -16.30
C CYS A 254 40.02 10.10 -15.06
N LEU A 255 40.66 9.24 -14.29
CA LEU A 255 41.29 9.68 -13.05
C LEU A 255 42.77 10.05 -13.24
N LYS A 256 43.10 11.24 -12.75
CA LYS A 256 44.44 11.81 -12.86
C LYS A 256 45.12 11.70 -11.51
N PHE A 257 46.17 10.90 -11.43
CA PHE A 257 46.86 10.73 -10.16
C PHE A 257 48.03 11.69 -10.07
N ASP A 258 48.35 12.12 -8.86
CA ASP A 258 49.36 13.16 -8.61
C ASP A 258 50.67 12.83 -9.32
N CYS A 259 51.02 11.55 -9.36
CA CYS A 259 52.23 11.06 -10.03
C CYS A 259 52.17 11.10 -11.54
N GLY A 260 51.04 11.57 -12.08
CA GLY A 260 50.84 11.77 -13.50
C GLY A 260 50.22 10.67 -14.35
N VAL A 261 49.99 9.50 -13.78
CA VAL A 261 49.31 8.42 -14.50
C VAL A 261 47.79 8.65 -14.62
N GLN A 262 47.17 8.13 -15.67
CA GLN A 262 45.71 8.20 -15.76
C GLN A 262 45.09 6.84 -15.96
N ILE A 263 44.01 6.64 -15.21
CA ILE A 263 43.23 5.41 -15.24
C ILE A 263 41.81 5.64 -15.74
N GLN A 264 41.29 4.74 -16.55
CA GLN A 264 39.93 4.85 -17.05
C GLN A 264 38.93 4.04 -16.22
N LEU A 265 37.98 4.72 -15.61
CA LEU A 265 36.93 4.08 -14.85
C LEU A 265 35.68 3.98 -15.68
N GLY A 266 35.29 2.76 -15.99
CA GLY A 266 34.14 2.50 -16.85
C GLY A 266 33.02 1.70 -16.21
N PHE A 267 31.80 1.96 -16.63
CA PHE A 267 30.62 1.36 -16.03
C PHE A 267 29.71 0.64 -17.01
N ALA A 268 29.20 -0.52 -16.62
CA ALA A 268 28.20 -1.20 -17.43
C ALA A 268 27.08 -1.79 -16.61
N ALA A 269 25.85 -1.70 -17.11
CA ALA A 269 24.69 -2.23 -16.41
C ALA A 269 24.36 -3.63 -16.85
N GLU A 270 24.23 -4.54 -15.90
CA GLU A 270 23.72 -5.87 -16.20
C GLU A 270 22.22 -5.91 -15.88
N PHE A 271 21.86 -5.41 -14.70
CA PHE A 271 20.47 -5.20 -14.32
C PHE A 271 20.41 -3.87 -13.61
N SER A 272 19.19 -3.41 -13.31
CA SER A 272 19.02 -2.13 -12.64
C SER A 272 19.62 -2.12 -11.25
N ASN A 273 19.93 -3.29 -10.70
CA ASN A 273 20.63 -3.33 -9.42
C ASN A 273 21.99 -4.06 -9.50
N VAL A 274 22.49 -4.22 -10.72
CA VAL A 274 23.80 -4.87 -10.94
C VAL A 274 24.66 -4.13 -11.96
N MET A 275 25.79 -3.63 -11.49
CA MET A 275 26.65 -2.82 -12.32
C MET A 275 28.00 -3.49 -12.44
N ILE A 276 28.61 -3.36 -13.61
CA ILE A 276 29.99 -3.78 -13.72
C ILE A 276 30.88 -2.56 -13.80
N ILE A 277 31.93 -2.56 -12.99
CA ILE A 277 33.01 -1.55 -13.02
C ILE A 277 34.25 -2.12 -13.68
N TYR A 278 34.83 -1.39 -14.60
CA TYR A 278 36.10 -1.80 -15.14
C TYR A 278 37.12 -0.69 -15.14
N THR A 279 38.35 -1.06 -14.88
CA THR A 279 39.48 -0.14 -14.81
C THR A 279 40.55 -0.56 -15.82
N SER A 280 41.26 0.41 -16.37
CA SER A 280 42.39 0.09 -17.25
C SER A 280 43.55 1.10 -17.12
N ILE A 281 44.78 0.63 -17.36
CA ILE A 281 45.95 1.50 -17.28
C ILE A 281 46.21 2.22 -18.59
N VAL A 282 45.38 3.23 -18.86
CA VAL A 282 45.44 4.00 -20.10
C VAL A 282 46.74 4.79 -20.32
N TYR A 283 47.27 5.41 -19.27
CA TYR A 283 48.44 6.30 -19.47
C TYR A 283 49.61 6.29 -18.45
N LYS A 284 50.84 6.37 -18.94
CA LYS A 284 51.98 6.42 -18.06
C LYS A 284 53.02 7.47 -18.45
N PRO A 285 53.43 8.34 -17.42
CA PRO A 285 54.64 9.10 -17.77
C PRO A 285 55.78 8.10 -17.78
N PRO A 286 56.72 8.19 -18.71
CA PRO A 286 57.74 7.12 -18.78
C PRO A 286 58.46 6.87 -17.46
N GLU A 287 58.75 7.93 -16.72
CA GLU A 287 59.62 7.86 -15.56
C GLU A 287 59.14 6.66 -14.76
N ILE A 288 57.84 6.40 -14.77
CA ILE A 288 57.33 5.25 -14.00
C ILE A 288 57.26 3.96 -14.81
N ILE A 289 58.10 2.98 -14.45
CA ILE A 289 58.21 1.69 -15.14
C ILE A 289 57.01 0.73 -15.09
N MET A 290 56.40 0.60 -13.91
CA MET A 290 55.33 -0.38 -13.71
C MET A 290 54.10 0.27 -13.07
N CYS A 291 52.92 -0.13 -13.56
CA CYS A 291 51.65 0.35 -13.03
C CYS A 291 50.67 -0.75 -12.63
N ASP A 292 49.97 -0.53 -11.51
CA ASP A 292 48.94 -1.42 -11.00
C ASP A 292 47.76 -0.66 -10.48
N ALA A 293 46.59 -0.87 -11.04
CA ALA A 293 45.42 -0.12 -10.61
C ALA A 293 44.34 -1.09 -10.21
N TYR A 294 43.67 -0.85 -9.10
CA TYR A 294 42.66 -1.79 -8.62
C TYR A 294 41.67 -1.07 -7.71
N VAL A 295 40.46 -1.63 -7.57
CA VAL A 295 39.40 -0.97 -6.80
C VAL A 295 39.12 -1.64 -5.45
N THR A 296 38.59 -0.86 -4.49
CA THR A 296 38.36 -1.39 -3.14
C THR A 296 37.53 -0.47 -2.24
N ASP A 297 37.38 -0.87 -0.98
CA ASP A 297 36.66 -0.11 0.06
C ASP A 297 35.21 0.21 -0.31
N PHE A 298 34.50 -0.77 -0.86
CA PHE A 298 33.10 -0.58 -1.21
C PHE A 298 32.22 -0.47 0.04
N PRO A 299 31.03 0.12 -0.09
CA PRO A 299 30.14 0.07 1.09
C PRO A 299 29.86 -1.37 1.52
N LEU A 300 29.75 -1.60 2.83
CA LEU A 300 29.45 -2.93 3.35
C LEU A 300 28.14 -3.49 2.81
N ASP A 301 27.19 -2.60 2.55
CA ASP A 301 25.85 -2.98 2.15
C ASP A 301 25.91 -3.88 0.91
N LEU A 302 26.89 -3.61 0.06
CA LEU A 302 27.04 -4.35 -1.18
C LEU A 302 27.61 -5.76 -0.98
N ASP A 303 28.16 -6.00 0.21
CA ASP A 303 28.77 -7.29 0.56
C ASP A 303 29.70 -7.86 -0.51
N ILE A 304 30.49 -7.00 -1.13
CA ILE A 304 31.39 -7.42 -2.21
C ILE A 304 32.58 -8.23 -1.68
N ASP A 305 32.86 -9.36 -2.31
CA ASP A 305 34.03 -10.18 -2.00
C ASP A 305 35.31 -9.83 -2.74
N PRO A 306 36.33 -9.29 -2.04
CA PRO A 306 37.57 -8.85 -2.67
C PRO A 306 38.26 -9.98 -3.45
N LYS A 307 37.91 -11.23 -3.12
CA LYS A 307 38.41 -12.39 -3.84
C LYS A 307 37.80 -12.41 -5.22
N ASP A 308 36.61 -11.80 -5.34
CA ASP A 308 35.78 -11.82 -6.56
C ASP A 308 35.83 -10.51 -7.34
N ALA A 309 36.72 -9.61 -6.94
CA ALA A 309 36.89 -8.32 -7.60
C ALA A 309 38.25 -8.18 -8.28
N ASN A 310 38.31 -7.25 -9.24
CA ASN A 310 39.52 -6.93 -10.01
C ASN A 310 40.02 -8.11 -10.84
N LYS A 311 39.16 -8.60 -11.74
CA LYS A 311 39.42 -9.84 -12.47
C LYS A 311 39.84 -9.67 -13.93
N GLY A 312 40.47 -10.72 -14.46
CA GLY A 312 40.93 -10.70 -15.84
C GLY A 312 39.80 -10.64 -16.85
N THR A 313 38.75 -11.41 -16.61
CA THR A 313 37.57 -11.39 -17.50
C THR A 313 36.32 -11.06 -16.71
N PRO A 314 35.32 -10.45 -17.37
CA PRO A 314 34.00 -10.25 -16.77
C PRO A 314 33.46 -11.58 -16.26
N GLU A 315 33.68 -12.64 -17.04
CA GLU A 315 33.24 -13.98 -16.71
C GLU A 315 33.68 -14.41 -15.30
N GLU A 316 34.85 -13.92 -14.89
CA GLU A 316 35.41 -14.30 -13.60
C GLU A 316 34.70 -13.66 -12.40
N THR A 317 33.87 -12.66 -12.67
CA THR A 317 33.20 -11.92 -11.61
C THR A 317 31.78 -12.42 -11.37
N GLY A 318 31.36 -13.38 -12.18
CA GLY A 318 30.00 -13.86 -12.11
C GLY A 318 29.16 -13.02 -13.03
N SER A 319 29.82 -12.28 -13.90
CA SER A 319 29.11 -11.57 -14.94
C SER A 319 29.27 -12.38 -16.21
N TYR A 320 28.25 -13.13 -16.55
CA TYR A 320 28.37 -13.97 -17.72
C TYR A 320 27.60 -13.36 -18.85
N LEU A 321 26.60 -12.55 -18.47
CA LEU A 321 25.69 -11.88 -19.40
C LEU A 321 26.30 -10.78 -20.28
N VAL A 322 27.15 -9.93 -19.71
CA VAL A 322 27.81 -8.91 -20.49
C VAL A 322 29.28 -9.26 -20.67
N SER A 323 29.70 -9.38 -21.92
CA SER A 323 31.09 -9.56 -22.25
C SER A 323 31.26 -9.20 -23.70
N LYS A 324 32.44 -8.72 -24.07
CA LYS A 324 32.71 -8.51 -25.46
C LYS A 324 31.70 -7.46 -25.79
N ASP A 325 31.04 -7.02 -24.74
CA ASP A 325 30.24 -5.83 -24.77
C ASP A 325 30.99 -4.89 -23.90
N LEU A 326 32.15 -5.36 -23.45
CA LEU A 326 33.01 -4.61 -22.56
C LEU A 326 34.41 -4.57 -23.12
N PRO A 327 35.04 -3.41 -23.04
CA PRO A 327 36.41 -3.22 -23.53
C PRO A 327 37.33 -4.30 -22.99
N LYS A 328 38.17 -4.88 -23.84
CA LYS A 328 39.06 -5.94 -23.42
C LYS A 328 40.27 -5.37 -22.66
N HIS A 329 41.05 -6.23 -22.06
CA HIS A 329 42.17 -5.73 -21.31
C HIS A 329 41.85 -4.78 -20.15
N CYS A 330 40.85 -5.11 -19.34
CA CYS A 330 40.53 -4.29 -18.18
C CYS A 330 40.17 -5.15 -16.97
N LEU A 331 40.52 -4.67 -15.78
CA LEU A 331 40.09 -5.33 -14.55
C LEU A 331 38.59 -5.17 -14.43
N TYR A 332 37.91 -6.20 -13.93
CA TYR A 332 36.44 -6.13 -13.82
C TYR A 332 35.97 -6.43 -12.41
N THR A 333 34.94 -5.71 -11.98
CA THR A 333 34.34 -5.88 -10.65
C THR A 333 32.81 -5.82 -10.74
N ARG A 334 32.14 -6.80 -10.10
CA ARG A 334 30.69 -6.86 -10.21
C ARG A 334 30.04 -6.36 -8.94
N LEU A 335 29.31 -5.26 -9.07
CA LEU A 335 28.58 -4.70 -7.97
C LEU A 335 27.10 -5.05 -8.05
N SER A 336 26.70 -6.00 -7.23
CA SER A 336 25.35 -6.48 -7.25
C SER A 336 24.74 -5.97 -5.96
N SER A 337 23.43 -6.11 -5.84
CA SER A 337 22.67 -5.62 -4.69
C SER A 337 22.76 -4.12 -4.54
N LEU A 338 22.76 -3.39 -5.67
CA LEU A 338 22.79 -1.93 -5.63
C LEU A 338 21.63 -1.32 -4.84
N GLN A 339 20.52 -2.06 -4.74
CA GLN A 339 19.32 -1.61 -4.03
C GLN A 339 19.55 -1.48 -2.51
N LYS A 340 20.61 -2.13 -2.04
CA LYS A 340 20.95 -2.16 -0.62
C LYS A 340 21.74 -0.91 -0.23
N LEU A 341 21.85 0.07 -1.12
CA LEU A 341 22.77 1.17 -0.87
C LEU A 341 22.16 2.32 -0.07
N LYS A 342 22.56 2.38 1.20
CA LYS A 342 22.17 3.47 2.10
C LYS A 342 22.76 4.81 1.69
N GLU A 343 24.02 4.80 1.25
CA GLU A 343 24.76 6.03 0.99
C GLU A 343 25.41 6.03 -0.39
N HIS A 344 25.74 7.19 -0.89
CA HIS A 344 26.10 7.33 -2.28
C HIS A 344 27.16 6.35 -2.45
N LEU A 345 27.26 5.74 -3.61
CA LEU A 345 28.32 4.78 -3.71
C LEU A 345 29.62 5.53 -3.69
N VAL A 346 30.48 5.12 -2.77
CA VAL A 346 31.81 5.69 -2.65
C VAL A 346 32.78 4.53 -2.56
N PHE A 347 33.83 4.58 -3.35
CA PHE A 347 34.87 3.56 -3.24
C PHE A 347 36.26 4.13 -3.52
N THR A 348 37.27 3.29 -3.50
CA THR A 348 38.63 3.77 -3.64
C THR A 348 39.37 3.14 -4.80
N VAL A 349 39.85 3.99 -5.70
CA VAL A 349 40.80 3.55 -6.72
C VAL A 349 42.23 3.64 -6.18
N CYS A 350 42.88 2.49 -6.11
CA CYS A 350 44.24 2.40 -5.64
C CYS A 350 45.18 2.18 -6.80
N LEU A 351 46.37 2.76 -6.68
CA LEU A 351 47.42 2.71 -7.67
C LEU A 351 48.78 2.41 -7.02
N SER A 352 49.47 1.41 -7.57
CA SER A 352 50.83 1.06 -7.19
C SER A 352 51.76 1.26 -8.37
N TYR A 353 52.88 1.93 -8.13
CA TYR A 353 53.83 2.23 -9.19
C TYR A 353 55.27 2.26 -8.73
N GLN A 354 56.20 1.99 -9.64
CA GLN A 354 57.62 2.18 -9.37
C GLN A 354 58.19 3.16 -10.41
N TYR A 355 58.99 4.13 -9.96
CA TYR A 355 59.74 4.98 -10.88
C TYR A 355 60.93 4.22 -11.45
N SER A 356 61.31 4.61 -12.66
CA SER A 356 62.51 4.13 -13.30
C SER A 356 63.67 4.55 -12.43
N GLY A 357 64.65 3.68 -12.25
CA GLY A 357 65.74 3.96 -11.34
C GLY A 357 65.47 3.75 -9.87
N LEU A 358 64.43 4.38 -9.34
CA LEU A 358 64.01 4.15 -7.96
C LEU A 358 63.50 2.72 -7.84
N GLU A 359 63.75 2.06 -6.72
CA GLU A 359 63.35 0.67 -6.62
C GLU A 359 62.30 0.34 -5.61
N ASP A 360 61.59 1.32 -5.08
CA ASP A 360 60.67 1.02 -4.00
C ASP A 360 59.29 1.39 -4.54
N THR A 361 58.30 0.52 -4.37
CA THR A 361 56.93 0.78 -4.78
C THR A 361 56.23 1.90 -3.99
N VAL A 362 55.45 2.72 -4.72
CA VAL A 362 54.64 3.79 -4.16
C VAL A 362 53.16 3.42 -4.24
N GLU A 363 52.44 3.84 -3.20
CA GLU A 363 51.03 3.53 -2.96
C GLU A 363 50.19 4.82 -2.88
N ASP A 364 49.44 5.13 -3.94
CA ASP A 364 48.54 6.28 -3.93
C ASP A 364 47.07 5.86 -4.19
N LYS A 365 46.09 6.51 -3.57
CA LYS A 365 44.70 6.07 -3.74
C LYS A 365 43.67 7.20 -3.56
N GLN A 366 42.64 7.22 -4.39
CA GLN A 366 41.63 8.28 -4.25
C GLN A 366 40.19 7.79 -4.24
N GLU A 367 39.38 8.45 -3.41
CA GLU A 367 37.97 8.12 -3.29
C GLU A 367 37.18 8.67 -4.46
N VAL A 368 36.52 7.77 -5.18
CA VAL A 368 35.59 8.13 -6.23
C VAL A 368 34.16 8.04 -5.70
N ASN A 369 33.35 9.04 -6.03
CA ASN A 369 31.95 9.01 -5.66
C ASN A 369 31.12 9.25 -6.88
N VAL A 370 30.52 8.19 -7.41
CA VAL A 370 29.48 8.31 -8.42
C VAL A 370 28.13 8.54 -7.74
N GLY A 371 28.15 8.51 -6.40
CA GLY A 371 26.95 8.61 -5.59
C GLY A 371 25.99 7.48 -5.90
N LYS A 372 24.71 7.80 -6.04
CA LYS A 372 23.70 6.77 -6.25
C LYS A 372 23.95 6.05 -7.57
N PRO A 373 23.87 4.73 -7.57
CA PRO A 373 24.04 3.99 -8.82
C PRO A 373 22.72 3.40 -9.28
N LEU A 374 22.29 3.76 -10.49
CA LEU A 374 21.13 3.13 -11.09
C LEU A 374 19.89 3.20 -10.19
N ILE A 375 19.27 2.05 -9.99
CA ILE A 375 18.02 1.92 -9.24
C ILE A 375 18.07 2.72 -7.94
N ALA A 376 19.27 2.88 -7.38
CA ALA A 376 19.41 3.49 -6.08
C ALA A 376 18.86 4.91 -6.06
N LYS A 377 19.04 5.63 -7.16
CA LYS A 377 18.46 6.95 -7.32
C LYS A 377 16.97 6.98 -6.96
N LEU A 378 16.20 6.02 -7.47
CA LEU A 378 14.76 6.00 -7.23
C LEU A 378 14.35 6.23 -5.79
N ASP A 379 15.10 5.69 -4.85
CA ASP A 379 14.72 5.91 -3.44
C ASP A 379 13.92 4.74 -2.86
C ALA B 1 17.39 -30.43 -16.34
N LEU B 2 16.53 -30.80 -15.39
CA LEU B 2 15.33 -30.01 -15.11
C LEU B 2 15.36 -29.48 -13.68
N ARG B 3 15.10 -28.19 -13.53
CA ARG B 3 15.10 -27.55 -12.22
C ARG B 3 13.70 -27.04 -11.86
N SER B 4 13.32 -27.22 -10.61
CA SER B 4 12.00 -26.79 -10.14
C SER B 4 12.05 -25.37 -9.56
N 4AR B 5 10.95 -24.59 -9.84
CA 4AR B 5 10.92 -23.21 -9.36
C 4AR B 5 9.92 -22.97 -8.24
O 4AR B 5 9.20 -21.97 -8.25
C3 4AR B 5 10.65 -22.27 -10.52
C4 4AR B 5 11.84 -22.16 -11.45
C5 4AR B 5 11.66 -21.06 -12.48
N2 4AR B 5 12.93 -20.66 -13.08
C6 4AR B 5 13.05 -19.77 -14.04
N3 4AR B 5 14.24 -19.45 -14.53
N4 4AR B 5 11.95 -19.19 -14.52
C7 4AR B 5 8.64 -23.82 -8.78
N MET C 1 -34.09 -7.84 29.35
CA MET C 1 -33.37 -8.91 28.63
C MET C 1 -31.88 -8.61 28.58
N LEU C 2 -31.11 -9.61 28.14
CA LEU C 2 -29.67 -9.50 28.11
C LEU C 2 -29.06 -9.69 26.73
N ALA C 3 -27.93 -9.03 26.51
CA ALA C 3 -27.15 -9.18 25.30
C ALA C 3 -25.85 -9.88 25.65
N LYS C 4 -25.39 -10.79 24.79
CA LYS C 4 -24.10 -11.44 25.00
C LYS C 4 -23.04 -10.36 24.95
N ASP C 5 -23.22 -9.44 24.01
CA ASP C 5 -22.41 -8.24 23.90
C ASP C 5 -23.23 -7.20 23.13
N LYS C 6 -22.76 -5.95 23.13
CA LYS C 6 -23.37 -4.87 22.35
C LYS C 6 -22.28 -4.12 21.56
N VAL C 7 -22.37 -4.20 20.24
CA VAL C 7 -21.35 -3.72 19.34
C VAL C 7 -21.95 -2.83 18.27
N ALA C 8 -21.36 -1.65 18.08
CA ALA C 8 -21.78 -0.69 17.06
C ALA C 8 -20.66 -0.26 16.12
N LEU C 9 -21.02 -0.09 14.85
CA LEU C 9 -20.20 0.54 13.85
C LEU C 9 -20.90 1.80 13.37
N LEU C 10 -20.21 2.92 13.43
CA LEU C 10 -20.76 4.20 13.02
C LEU C 10 -19.89 4.75 11.90
N ILE C 11 -20.51 5.08 10.78
CA ILE C 11 -19.76 5.65 9.67
C ILE C 11 -20.38 6.96 9.26
N GLY C 12 -19.54 7.98 9.12
CA GLY C 12 -19.99 9.28 8.67
C GLY C 12 -19.20 9.77 7.46
N ASN C 13 -19.88 9.98 6.35
CA ASN C 13 -19.20 10.35 5.14
C ASN C 13 -19.45 11.77 4.77
N MET C 14 -18.40 12.55 4.59
CA MET C 14 -18.57 13.97 4.58
C MET C 14 -18.25 14.72 3.31
N ASN C 15 -17.05 14.52 2.79
CA ASN C 15 -16.74 15.16 1.55
C ASN C 15 -16.72 14.15 0.47
N TYR C 16 -17.74 14.09 -0.37
CA TYR C 16 -17.37 13.20 -1.47
C TYR C 16 -16.63 13.97 -2.56
N ARG C 17 -15.47 13.46 -2.96
CA ARG C 17 -14.72 14.05 -4.07
C ARG C 17 -15.60 14.48 -5.24
N GLU C 18 -16.60 13.66 -5.57
CA GLU C 18 -17.32 13.83 -6.79
C GLU C 18 -18.77 14.18 -6.60
N HIS C 19 -19.14 14.47 -5.37
CA HIS C 19 -20.52 14.82 -5.01
C HIS C 19 -20.45 15.90 -3.93
N PRO C 20 -21.55 16.54 -3.62
CA PRO C 20 -21.54 17.63 -2.66
C PRO C 20 -21.09 17.15 -1.31
N LYS C 21 -20.39 18.00 -0.60
CA LYS C 21 -19.83 17.68 0.68
C LYS C 21 -20.83 17.89 1.73
N LEU C 22 -20.72 17.16 2.84
CA LEU C 22 -21.62 17.30 3.99
C LEU C 22 -20.89 17.59 5.32
N LYS C 23 -21.37 18.59 6.06
CA LYS C 23 -20.70 19.02 7.30
C LYS C 23 -21.29 18.58 8.66
N ALA C 24 -22.35 17.78 8.66
CA ALA C 24 -23.01 17.38 9.89
C ALA C 24 -22.68 16.00 10.43
N PRO C 25 -22.21 15.10 9.61
CA PRO C 25 -21.91 13.77 10.05
C PRO C 25 -20.87 13.73 11.14
N LEU C 26 -19.93 14.66 11.13
CA LEU C 26 -18.88 14.69 12.13
C LEU C 26 -19.44 14.88 13.54
N VAL C 27 -20.43 15.77 13.66
CA VAL C 27 -21.17 15.97 14.90
C VAL C 27 -22.05 14.78 15.27
N ASP C 28 -22.70 14.22 14.24
CA ASP C 28 -23.70 13.15 14.39
C ASP C 28 -23.07 11.86 14.89
N VAL C 29 -22.05 11.40 14.17
CA VAL C 29 -21.26 10.23 14.56
C VAL C 29 -20.54 10.41 15.91
N TYR C 30 -19.93 11.58 16.17
CA TYR C 30 -19.21 11.79 17.44
C TYR C 30 -20.11 11.70 18.67
N GLU C 31 -21.26 12.37 18.60
CA GLU C 31 -22.22 12.39 19.71
C GLU C 31 -22.95 11.07 19.89
N LEU C 32 -23.28 10.43 18.77
CA LEU C 32 -23.95 9.14 18.88
C LEU C 32 -22.97 8.13 19.46
N THR C 33 -21.70 8.23 19.05
CA THR C 33 -20.63 7.37 19.57
C THR C 33 -20.52 7.52 21.09
N ASN C 34 -20.40 8.75 21.57
CA ASN C 34 -20.35 8.92 23.01
C ASN C 34 -21.59 8.36 23.77
N LEU C 35 -22.78 8.59 23.23
CA LEU C 35 -24.02 8.06 23.88
C LEU C 35 -24.06 6.51 23.90
N LEU C 36 -23.73 5.92 22.76
CA LEU C 36 -23.64 4.48 22.68
C LEU C 36 -22.60 3.93 23.67
N ARG C 37 -21.47 4.63 23.83
CA ARG C 37 -20.46 4.18 24.79
C ARG C 37 -20.99 4.24 26.23
N GLN C 38 -21.71 5.31 26.58
CA GLN C 38 -22.40 5.35 27.89
C GLN C 38 -23.31 4.13 28.07
N LEU C 39 -23.80 3.57 26.97
CA LEU C 39 -24.60 2.34 27.07
C LEU C 39 -23.75 1.05 27.02
N ASP C 40 -22.45 1.18 27.23
CA ASP C 40 -21.54 0.02 27.26
C ASP C 40 -21.39 -0.72 25.93
N PHE C 41 -21.65 -0.02 24.83
CA PHE C 41 -21.42 -0.55 23.50
C PHE C 41 -19.94 -0.50 23.15
N LYS C 42 -19.46 -1.55 22.52
CA LYS C 42 -18.17 -1.51 21.89
C LYS C 42 -18.30 -0.82 20.53
N VAL C 43 -17.83 0.42 20.45
CA VAL C 43 -18.03 1.24 19.26
C VAL C 43 -16.77 1.44 18.42
N VAL C 44 -16.91 1.32 17.11
CA VAL C 44 -15.93 1.81 16.16
C VAL C 44 -16.59 2.90 15.35
N SER C 45 -16.04 4.11 15.37
CA SER C 45 -16.58 5.21 14.57
C SER C 45 -15.58 5.70 13.56
N LEU C 46 -16.01 5.83 12.30
CA LEU C 46 -15.10 6.16 11.20
C LEU C 46 -15.63 7.28 10.32
N LEU C 47 -14.74 8.21 9.98
CA LEU C 47 -15.07 9.31 9.07
C LEU C 47 -14.56 9.05 7.67
N ASP C 48 -15.28 9.56 6.67
CA ASP C 48 -14.80 9.64 5.28
C ASP C 48 -14.15 8.36 4.73
N LEU C 49 -14.93 7.29 4.61
CA LEU C 49 -14.42 6.04 4.07
C LEU C 49 -14.72 5.88 2.57
N THR C 50 -13.83 5.16 1.89
CA THR C 50 -14.02 4.80 0.50
C THR C 50 -14.77 3.50 0.49
N GLU C 51 -15.06 3.00 -0.69
CA GLU C 51 -15.81 1.77 -0.77
C GLU C 51 -15.03 0.65 -0.14
N TYR C 52 -13.74 0.55 -0.47
CA TYR C 52 -12.91 -0.56 0.04
C TYR C 52 -12.82 -0.49 1.57
N GLU C 53 -12.68 0.72 2.10
CA GLU C 53 -12.64 0.93 3.54
C GLU C 53 -13.99 0.62 4.23
N MET C 54 -15.09 1.00 3.60
CA MET C 54 -16.43 0.69 4.14
C MET C 54 -16.62 -0.82 4.21
N ARG C 55 -16.26 -1.52 3.13
CA ARG C 55 -16.35 -2.98 3.15
C ARG C 55 -15.49 -3.61 4.24
N ASN C 56 -14.27 -3.12 4.41
CA ASN C 56 -13.37 -3.66 5.44
C ASN C 56 -13.90 -3.45 6.86
N ALA C 57 -14.37 -2.22 7.13
CA ALA C 57 -14.97 -1.91 8.42
C ALA C 57 -16.21 -2.77 8.68
N VAL C 58 -17.03 -2.97 7.65
CA VAL C 58 -18.17 -3.87 7.82
C VAL C 58 -17.71 -5.27 8.21
N ASP C 59 -16.68 -5.78 7.52
CA ASP C 59 -16.07 -7.07 7.88
C ASP C 59 -15.60 -7.17 9.35
N GLU C 60 -14.90 -6.15 9.83
CA GLU C 60 -14.45 -6.16 11.21
C GLU C 60 -15.58 -6.16 12.17
N PHE C 61 -16.58 -5.34 11.89
CA PHE C 61 -17.84 -5.36 12.63
C PHE C 61 -18.44 -6.78 12.68
N LEU C 62 -18.50 -7.43 11.53
CA LEU C 62 -19.06 -8.77 11.42
C LEU C 62 -18.31 -9.80 12.26
N LEU C 63 -16.98 -9.63 12.36
CA LEU C 63 -16.16 -10.54 13.14
C LEU C 63 -16.49 -10.45 14.63
N LEU C 64 -16.92 -9.27 15.07
CA LEU C 64 -17.28 -9.07 16.45
C LEU C 64 -18.67 -9.56 16.82
N LEU C 65 -19.43 -9.98 15.83
CA LEU C 65 -20.79 -10.44 16.11
C LEU C 65 -20.80 -11.93 16.34
N ASP C 66 -21.52 -12.34 17.38
CA ASP C 66 -21.80 -13.76 17.55
C ASP C 66 -23.21 -13.95 18.13
N LYS C 67 -23.54 -15.18 18.47
CA LYS C 67 -24.84 -15.55 19.02
C LYS C 67 -25.21 -14.67 20.23
N GLY C 68 -26.35 -13.98 20.17
CA GLY C 68 -26.83 -13.17 21.29
C GLY C 68 -26.38 -11.72 21.30
N VAL C 69 -25.45 -11.38 20.41
CA VAL C 69 -24.89 -10.02 20.38
C VAL C 69 -25.83 -9.04 19.68
N TYR C 70 -26.03 -7.89 20.30
CA TYR C 70 -26.73 -6.76 19.70
C TYR C 70 -25.75 -6.06 18.79
N GLY C 71 -26.03 -6.07 17.48
CA GLY C 71 -25.23 -5.34 16.53
C GLY C 71 -25.97 -4.12 16.00
N LEU C 72 -25.30 -2.97 16.02
CA LEU C 72 -25.91 -1.73 15.56
C LEU C 72 -25.03 -1.01 14.51
N LEU C 73 -25.64 -0.69 13.38
CA LEU C 73 -24.96 0.07 12.35
C LEU C 73 -25.62 1.43 12.23
N TYR C 74 -24.81 2.48 12.33
CA TYR C 74 -25.29 3.82 12.07
C TYR C 74 -24.53 4.45 10.90
N TYR C 75 -25.25 5.07 9.98
CA TYR C 75 -24.59 5.68 8.82
C TYR C 75 -25.11 7.10 8.55
N ALA C 76 -24.22 8.08 8.54
CA ALA C 76 -24.56 9.43 8.17
C ALA C 76 -23.71 9.82 6.96
N GLY C 77 -24.37 10.25 5.89
CA GLY C 77 -23.74 10.47 4.60
C GLY C 77 -24.69 10.28 3.43
N HIS C 78 -24.18 10.39 2.20
CA HIS C 78 -25.01 10.23 1.03
C HIS C 78 -25.44 8.79 0.92
N GLY C 79 -26.71 8.60 0.56
CA GLY C 79 -27.26 7.28 0.28
C GLY C 79 -28.34 7.34 -0.78
N TYR C 80 -28.80 6.18 -1.26
CA TYR C 80 -29.96 6.13 -2.14
C TYR C 80 -30.78 4.85 -1.92
N GLU C 81 -31.93 4.76 -2.55
CA GLU C 81 -32.75 3.56 -2.40
C GLU C 81 -33.45 3.20 -3.69
N ASN C 82 -33.17 2.00 -4.16
CA ASN C 82 -33.83 1.48 -5.34
C ASN C 82 -34.56 0.20 -4.95
N PHE C 83 -35.88 0.21 -5.13
CA PHE C 83 -36.74 -0.95 -4.84
C PHE C 83 -36.68 -1.44 -3.40
N GLY C 84 -36.58 -0.52 -2.46
CA GLY C 84 -36.53 -0.89 -1.06
C GLY C 84 -35.20 -1.49 -0.68
N ASN C 85 -34.25 -1.48 -1.61
CA ASN C 85 -32.87 -1.78 -1.27
C ASN C 85 -32.11 -0.49 -1.00
N SER C 86 -31.48 -0.44 0.16
CA SER C 86 -30.75 0.73 0.61
C SER C 86 -29.25 0.68 0.27
N PHE C 87 -28.73 1.79 -0.24
CA PHE C 87 -27.31 1.88 -0.59
C PHE C 87 -26.57 3.06 0.08
N MET C 88 -25.42 2.77 0.65
CA MET C 88 -24.57 3.79 1.24
C MET C 88 -23.54 4.16 0.19
N VAL C 89 -23.38 5.46 -0.03
CA VAL C 89 -22.48 5.99 -1.05
C VAL C 89 -21.13 6.45 -0.47
N PRO C 90 -20.05 5.70 -0.75
CA PRO C 90 -18.70 5.98 -0.21
C PRO C 90 -18.07 7.26 -0.78
N VAL C 91 -17.09 7.83 -0.08
CA VAL C 91 -16.58 9.16 -0.46
C VAL C 91 -15.88 9.20 -1.79
N ASP C 92 -15.51 8.04 -2.28
CA ASP C 92 -14.80 7.95 -3.55
C ASP C 92 -15.73 7.55 -4.69
N ALA C 93 -17.03 7.67 -4.48
CA ALA C 93 -17.98 7.31 -5.53
C ALA C 93 -17.86 8.26 -6.70
N PRO C 94 -17.88 7.71 -7.91
CA PRO C 94 -17.87 8.49 -9.17
C PRO C 94 -19.18 9.24 -9.43
N ASN C 95 -19.16 10.07 -10.47
CA ASN C 95 -20.31 10.84 -10.88
C ASN C 95 -20.54 10.65 -12.37
N PRO C 96 -21.51 9.80 -12.74
CA PRO C 96 -22.46 9.18 -11.83
C PRO C 96 -21.89 7.91 -11.19
N TYR C 97 -22.69 7.30 -10.33
CA TYR C 97 -22.27 6.06 -9.71
C TYR C 97 -23.35 5.03 -9.76
N ARG C 98 -22.94 3.80 -9.52
CA ARG C 98 -23.75 2.61 -9.67
C ARG C 98 -23.60 1.72 -8.46
N SER C 99 -24.49 0.75 -8.34
CA SER C 99 -24.50 -0.16 -7.20
C SER C 99 -23.11 -0.73 -6.84
N GLU C 100 -22.30 -1.03 -7.85
CA GLU C 100 -20.99 -1.63 -7.60
C GLU C 100 -20.03 -0.68 -6.88
N ASN C 101 -20.36 0.62 -6.90
CA ASN C 101 -19.58 1.63 -6.18
C ASN C 101 -20.03 1.80 -4.74
N CYS C 102 -21.15 1.17 -4.36
CA CYS C 102 -21.78 1.44 -3.06
C CYS C 102 -21.96 0.20 -2.21
N LEU C 103 -22.49 0.38 -1.01
CA LEU C 103 -22.82 -0.74 -0.15
C LEU C 103 -24.31 -0.86 0.15
N CYS C 104 -24.83 -2.06 0.05
CA CYS C 104 -26.24 -2.33 0.21
C CYS C 104 -26.54 -2.75 1.62
N VAL C 105 -27.40 -2.04 2.35
CA VAL C 105 -27.52 -2.37 3.73
C VAL C 105 -28.05 -3.78 3.90
N GLN C 106 -28.93 -4.19 3.01
CA GLN C 106 -29.58 -5.46 3.12
C GLN C 106 -28.59 -6.60 3.08
N ASN C 107 -27.58 -6.49 2.26
CA ASN C 107 -26.56 -7.51 2.23
C ASN C 107 -25.88 -7.58 3.56
N ILE C 108 -25.61 -6.43 4.13
CA ILE C 108 -25.00 -6.45 5.43
C ILE C 108 -25.85 -7.18 6.49
N LEU C 109 -27.15 -6.95 6.47
CA LEU C 109 -28.05 -7.57 7.44
C LEU C 109 -28.09 -9.06 7.31
N LYS C 110 -28.05 -9.53 6.09
CA LYS C 110 -28.05 -10.95 5.86
C LYS C 110 -26.80 -11.55 6.42
N LEU C 111 -25.68 -10.86 6.29
CA LEU C 111 -24.48 -11.35 6.94
C LEU C 111 -24.61 -11.36 8.44
N MET C 112 -25.19 -10.33 9.04
CA MET C 112 -25.32 -10.36 10.47
C MET C 112 -26.19 -11.52 10.91
N GLN C 113 -27.24 -11.75 10.17
CA GLN C 113 -28.21 -12.77 10.53
C GLN C 113 -27.51 -14.07 10.59
N GLU C 114 -26.59 -14.28 9.67
CA GLU C 114 -25.82 -15.51 9.67
C GLU C 114 -25.02 -15.68 10.96
N LYS C 115 -24.51 -14.58 11.50
CA LYS C 115 -23.83 -14.65 12.81
C LYS C 115 -24.74 -14.99 14.01
N GLU C 116 -26.04 -15.15 13.78
CA GLU C 116 -27.03 -15.44 14.83
C GLU C 116 -27.10 -14.37 15.93
N THR C 117 -27.16 -13.11 15.50
CA THR C 117 -27.27 -11.99 16.43
C THR C 117 -28.59 -11.99 17.20
N GLY C 118 -28.58 -11.40 18.39
CA GLY C 118 -29.80 -11.29 19.16
C GLY C 118 -30.58 -10.06 18.76
N LEU C 119 -29.89 -9.06 18.22
CA LEU C 119 -30.53 -7.82 17.80
C LEU C 119 -29.78 -7.21 16.63
N ASN C 120 -30.53 -6.74 15.63
CA ASN C 120 -29.95 -6.05 14.49
C ASN C 120 -30.60 -4.67 14.37
N VAL C 121 -29.82 -3.61 14.56
CA VAL C 121 -30.38 -2.28 14.48
C VAL C 121 -29.67 -1.46 13.40
N PHE C 122 -30.45 -0.91 12.47
CA PHE C 122 -29.90 -0.09 11.42
C PHE C 122 -30.49 1.30 11.53
N LEU C 123 -29.60 2.28 11.70
CA LEU C 123 -29.98 3.69 11.77
C LEU C 123 -29.36 4.34 10.56
N LEU C 124 -30.19 4.56 9.55
CA LEU C 124 -29.72 5.07 8.27
C LEU C 124 -30.08 6.55 8.11
N ASP C 125 -29.11 7.42 8.35
CA ASP C 125 -29.31 8.85 8.31
C ASP C 125 -28.82 9.34 6.94
N MET C 126 -29.63 9.10 5.91
CA MET C 126 -29.28 9.35 4.51
C MET C 126 -30.55 9.43 3.68
N CYS C 127 -30.41 9.94 2.47
CA CYS C 127 -31.50 10.04 1.52
C CYS C 127 -31.93 8.68 1.02
N ARG C 128 -33.20 8.59 0.61
CA ARG C 128 -33.79 7.33 0.16
C ARG C 128 -34.45 7.50 -1.19
N LYS C 129 -33.85 8.35 -2.01
CA LYS C 129 -34.34 8.60 -3.36
C LYS C 129 -33.84 7.55 -4.34
N ARG C 130 -34.39 7.56 -5.55
CA ARG C 130 -34.00 6.57 -6.56
C ARG C 130 -32.80 7.01 -7.41
N ASN C 131 -31.81 6.12 -7.54
CA ASN C 131 -30.68 6.35 -8.41
C ASN C 131 -30.97 5.73 -9.77
N ASP C 132 -31.29 6.57 -10.76
CA ASP C 132 -31.68 6.07 -12.08
C ASP C 132 -30.51 5.51 -12.87
N TYR C 133 -29.29 5.90 -12.49
CA TYR C 133 -28.11 5.40 -13.17
C TYR C 133 -27.90 3.91 -12.85
N ASP C 134 -28.30 3.50 -11.65
CA ASP C 134 -28.22 2.09 -11.23
C ASP C 134 -29.26 1.27 -11.99
N ASP C 135 -28.76 0.41 -12.88
CA ASP C 135 -29.62 -0.34 -13.77
C ASP C 135 -29.81 -1.73 -13.18
N THR C 136 -29.10 -1.97 -12.08
CA THR C 136 -29.14 -3.26 -11.42
C THR C 136 -30.50 -3.50 -10.80
N ILE C 137 -30.97 -4.74 -10.90
CA ILE C 137 -32.21 -5.13 -10.25
C ILE C 137 -31.95 -6.42 -9.49
N PRO C 138 -31.18 -6.30 -8.41
CA PRO C 138 -30.85 -7.49 -7.60
C PRO C 138 -32.03 -8.07 -6.82
N ILE C 139 -32.09 -9.41 -6.76
CA ILE C 139 -33.01 -10.13 -5.89
C ILE C 139 -32.21 -10.83 -4.79
N LEU C 140 -32.09 -10.19 -3.64
CA LEU C 140 -31.39 -10.80 -2.54
C LEU C 140 -32.19 -12.02 -2.10
N ASP C 141 -31.52 -13.06 -1.64
CA ASP C 141 -32.25 -14.20 -1.09
C ASP C 141 -33.12 -13.74 0.07
N ALA C 142 -34.27 -14.39 0.22
CA ALA C 142 -35.23 -14.04 1.25
C ALA C 142 -34.54 -14.14 2.62
N LEU C 143 -34.75 -13.11 3.43
CA LEU C 143 -34.14 -13.02 4.74
C LEU C 143 -34.76 -14.06 5.62
N LYS C 144 -33.96 -14.68 6.48
CA LYS C 144 -34.49 -15.58 7.48
C LYS C 144 -35.33 -14.74 8.45
N VAL C 145 -36.34 -15.34 9.04
CA VAL C 145 -37.20 -14.67 9.96
C VAL C 145 -36.67 -14.69 11.35
N THR C 146 -35.63 -13.88 11.58
CA THR C 146 -35.07 -13.70 12.91
C THR C 146 -36.04 -13.01 13.86
N ALA C 147 -36.72 -11.98 13.35
CA ALA C 147 -37.66 -11.20 14.15
C ALA C 147 -36.91 -10.19 15.03
N ASN C 148 -35.60 -10.11 14.84
CA ASN C 148 -34.75 -9.26 15.66
C ASN C 148 -34.30 -7.95 15.03
N ILE C 149 -34.87 -7.61 13.88
CA ILE C 149 -34.37 -6.46 13.12
C ILE C 149 -35.21 -5.18 13.25
N VAL C 150 -34.52 -4.09 13.57
CA VAL C 150 -35.13 -2.76 13.65
C VAL C 150 -34.38 -1.76 12.79
N PHE C 151 -35.11 -1.17 11.85
CA PHE C 151 -34.58 -0.14 10.99
C PHE C 151 -35.12 1.21 11.43
N GLY C 152 -34.23 2.14 11.69
CA GLY C 152 -34.64 3.51 11.87
C GLY C 152 -34.10 4.34 10.76
N TYR C 153 -34.94 4.69 9.81
CA TYR C 153 -34.55 5.58 8.73
C TYR C 153 -34.77 7.04 9.11
N ALA C 154 -33.82 7.91 8.75
CA ALA C 154 -33.98 9.34 9.02
C ALA C 154 -35.16 9.92 8.24
N THR C 155 -35.41 9.36 7.06
CA THR C 155 -36.48 9.80 6.20
C THR C 155 -37.27 8.62 5.60
N CYS C 156 -38.36 8.94 4.89
CA CYS C 156 -39.15 7.92 4.21
C CYS C 156 -38.60 7.60 2.83
N GLN C 157 -38.94 6.42 2.35
CA GLN C 157 -38.61 5.97 1.01
C GLN C 157 -39.00 7.01 -0.01
N GLY C 158 -38.13 7.24 -0.98
CA GLY C 158 -38.41 8.21 -2.02
C GLY C 158 -38.13 9.64 -1.59
N ALA C 159 -37.88 9.85 -0.30
CA ALA C 159 -37.66 11.20 0.20
C ALA C 159 -36.20 11.49 0.64
N GLU C 160 -36.01 12.65 1.28
CA GLU C 160 -34.66 13.07 1.64
C GLU C 160 -34.48 13.19 3.15
N ALA C 161 -33.24 12.98 3.56
CA ALA C 161 -32.85 13.27 4.93
C ALA C 161 -31.95 14.49 4.86
N PHE C 162 -32.11 15.40 5.82
CA PHE C 162 -31.51 16.71 5.74
C PHE C 162 -30.56 17.00 6.89
N GLU C 163 -29.66 17.93 6.62
CA GLU C 163 -28.80 18.56 7.61
C GLU C 163 -28.74 20.03 7.19
N ILE C 164 -28.47 20.92 8.14
CA ILE C 164 -28.59 22.34 7.85
C ILE C 164 -27.25 22.99 7.52
N GLN C 165 -27.20 23.62 6.35
CA GLN C 165 -26.01 24.35 5.93
C GLN C 165 -25.78 25.53 6.86
N HIS C 166 -24.52 25.80 7.18
CA HIS C 166 -24.18 26.88 8.06
C HIS C 166 -24.80 26.68 9.42
N SER C 167 -24.96 25.41 9.80
CA SER C 167 -25.47 25.07 11.12
C SER C 167 -24.40 24.46 12.02
N GLY C 168 -23.21 24.25 11.47
CA GLY C 168 -22.15 23.54 12.18
C GLY C 168 -21.64 24.22 13.43
N LEU C 169 -21.28 23.43 14.45
CA LEU C 169 -21.45 21.98 14.44
C LEU C 169 -22.80 21.52 15.01
N ALA C 170 -23.89 21.88 14.35
CA ALA C 170 -25.21 21.39 14.72
C ALA C 170 -25.41 19.97 14.19
N ASN C 171 -26.22 19.17 14.88
CA ASN C 171 -26.58 17.86 14.36
C ASN C 171 -27.41 17.95 13.09
N GLY C 172 -27.45 16.85 12.34
CA GLY C 172 -28.45 16.71 11.29
C GLY C 172 -29.81 16.51 11.96
N ILE C 173 -30.86 16.52 11.15
CA ILE C 173 -32.23 16.48 11.70
C ILE C 173 -32.47 15.25 12.53
N PHE C 174 -32.12 14.08 11.99
CA PHE C 174 -32.30 12.82 12.68
C PHE C 174 -31.71 12.84 14.06
N MET C 175 -30.41 13.13 14.15
CA MET C 175 -29.66 13.05 15.40
C MET C 175 -30.07 14.12 16.41
N LYS C 176 -30.42 15.29 15.90
CA LYS C 176 -30.94 16.36 16.74
C LYS C 176 -32.00 15.83 17.67
N PHE C 177 -32.89 15.00 17.14
CA PHE C 177 -33.97 14.43 17.95
C PHE C 177 -33.58 13.11 18.61
N LEU C 178 -32.83 12.28 17.89
CA LEU C 178 -32.39 11.00 18.42
C LEU C 178 -31.62 11.08 19.72
N LYS C 179 -30.69 12.03 19.80
CA LYS C 179 -29.74 12.04 20.91
C LYS C 179 -30.45 12.29 22.24
N ASP C 180 -31.56 13.01 22.17
CA ASP C 180 -32.37 13.29 23.37
C ASP C 180 -33.19 12.08 23.85
N ARG C 181 -33.27 11.03 23.05
CA ARG C 181 -34.05 9.86 23.44
C ARG C 181 -33.17 8.64 23.64
N LEU C 182 -31.98 8.64 23.03
CA LEU C 182 -31.21 7.41 22.89
C LEU C 182 -30.89 6.70 24.21
N LEU C 183 -30.81 7.45 25.29
CA LEU C 183 -30.43 6.87 26.56
C LEU C 183 -31.59 6.30 27.37
N GLU C 184 -32.80 6.40 26.85
CA GLU C 184 -33.96 5.92 27.59
C GLU C 184 -33.96 4.41 27.70
N ASP C 185 -34.30 3.92 28.89
CA ASP C 185 -34.44 2.49 29.12
C ASP C 185 -35.82 2.03 28.62
N LYS C 186 -36.00 2.00 27.30
CA LYS C 186 -37.22 1.50 26.69
C LYS C 186 -36.87 0.60 25.51
N LYS C 187 -37.82 -0.20 25.05
CA LYS C 187 -37.64 -1.02 23.85
C LYS C 187 -37.19 -0.09 22.74
N ILE C 188 -36.21 -0.52 21.95
CA ILE C 188 -35.72 0.35 20.89
C ILE C 188 -36.82 0.88 19.94
N THR C 189 -37.87 0.06 19.70
CA THR C 189 -39.01 0.47 18.84
C THR C 189 -39.85 1.60 19.41
N VAL C 190 -40.22 1.46 20.69
CA VAL C 190 -40.91 2.51 21.43
C VAL C 190 -40.13 3.83 21.38
N LEU C 191 -38.83 3.73 21.66
CA LEU C 191 -37.91 4.86 21.64
C LEU C 191 -37.89 5.58 20.28
N LEU C 192 -37.69 4.81 19.21
CA LEU C 192 -37.74 5.36 17.86
C LEU C 192 -39.07 6.03 17.57
N ASP C 193 -40.17 5.45 18.06
CA ASP C 193 -41.53 5.99 17.88
C ASP C 193 -41.59 7.39 18.49
N GLU C 194 -41.09 7.49 19.72
CA GLU C 194 -40.97 8.79 20.37
C GLU C 194 -40.18 9.79 19.50
N VAL C 195 -39.14 9.29 18.83
CA VAL C 195 -38.31 10.18 18.03
C VAL C 195 -39.03 10.65 16.77
N ALA C 196 -39.86 9.78 16.19
CA ALA C 196 -40.72 10.19 15.09
C ALA C 196 -41.66 11.30 15.54
N GLU C 197 -42.24 11.14 16.73
CA GLU C 197 -43.16 12.17 17.24
C GLU C 197 -42.47 13.51 17.46
N ASP C 198 -41.31 13.50 18.14
CA ASP C 198 -40.51 14.70 18.38
C ASP C 198 -40.14 15.41 17.09
N MET C 199 -39.66 14.63 16.12
CA MET C 199 -39.31 15.17 14.83
C MET C 199 -40.50 15.77 14.11
N GLY C 200 -41.68 15.16 14.29
CA GLY C 200 -42.91 15.65 13.67
C GLY C 200 -43.28 17.07 14.04
N LYS C 201 -42.83 17.51 15.20
CA LYS C 201 -43.04 18.88 15.68
C LYS C 201 -42.09 19.92 15.05
N CYS C 202 -41.31 19.52 14.04
CA CYS C 202 -40.36 20.42 13.41
C CYS C 202 -40.83 21.02 12.06
N HIS C 203 -41.13 22.32 12.05
CA HIS C 203 -41.75 22.96 10.87
C HIS C 203 -40.89 22.90 9.60
N LEU C 204 -39.57 22.97 9.76
CA LEU C 204 -38.68 23.03 8.61
C LEU C 204 -38.78 21.79 7.72
N THR C 205 -38.89 20.62 8.36
CA THR C 205 -38.94 19.35 7.64
C THR C 205 -40.35 18.85 7.33
N LYS C 206 -41.36 19.57 7.82
CA LYS C 206 -42.77 19.25 7.52
C LYS C 206 -42.95 19.01 6.02
N GLY C 207 -43.44 17.83 5.68
CA GLY C 207 -43.71 17.50 4.30
C GLY C 207 -42.46 17.05 3.56
N LYS C 208 -41.30 17.20 4.18
CA LYS C 208 -40.04 16.88 3.51
C LYS C 208 -39.32 15.68 4.13
N GLN C 209 -39.28 15.61 5.45
CA GLN C 209 -38.52 14.54 6.09
C GLN C 209 -39.31 14.06 7.29
N ALA C 210 -39.55 12.76 7.35
CA ALA C 210 -40.16 12.17 8.51
C ALA C 210 -39.52 10.84 8.75
N LEU C 211 -39.28 10.52 10.02
CA LEU C 211 -38.66 9.26 10.39
C LEU C 211 -39.55 8.08 9.95
N GLU C 212 -38.92 7.00 9.47
CA GLU C 212 -39.64 5.76 9.24
C GLU C 212 -39.00 4.62 10.02
N ILE C 213 -39.86 3.88 10.72
CA ILE C 213 -39.44 2.74 11.53
C ILE C 213 -39.94 1.48 10.86
N ARG C 214 -39.08 0.48 10.76
CA ARG C 214 -39.51 -0.79 10.20
C ARG C 214 -39.01 -1.86 11.14
N SER C 215 -39.90 -2.67 11.70
CA SER C 215 -39.48 -3.60 12.74
C SER C 215 -40.20 -4.95 12.72
N SER C 216 -39.42 -6.01 12.93
CA SER C 216 -39.96 -7.35 13.16
C SER C 216 -39.59 -7.81 14.58
N LEU C 217 -39.00 -6.92 15.35
CA LEU C 217 -38.44 -7.26 16.65
C LEU C 217 -39.54 -7.75 17.57
N SER C 218 -39.44 -9.02 17.95
CA SER C 218 -40.49 -9.69 18.69
C SER C 218 -40.19 -9.85 20.18
N GLU C 219 -39.09 -9.28 20.64
CA GLU C 219 -38.73 -9.36 22.05
C GLU C 219 -38.55 -7.95 22.58
N LYS C 220 -38.74 -7.75 23.88
CA LYS C 220 -38.59 -6.42 24.46
C LYS C 220 -37.11 -6.01 24.65
N ARG C 221 -36.37 -5.97 23.56
CA ARG C 221 -34.95 -5.70 23.60
C ARG C 221 -34.62 -4.20 23.57
N ALA C 222 -33.70 -3.81 24.46
CA ALA C 222 -33.32 -2.42 24.61
C ALA C 222 -31.80 -2.20 24.45
N LEU C 223 -31.43 -0.98 24.08
CA LEU C 223 -30.02 -0.64 23.91
C LEU C 223 -29.36 -0.58 25.27
N THR C 224 -30.18 -0.41 26.30
CA THR C 224 -29.71 -0.32 27.67
C THR C 224 -29.69 -1.68 28.36
N ASP C 225 -29.95 -2.73 27.59
CA ASP C 225 -29.91 -4.09 28.14
C ASP C 225 -28.49 -4.40 28.62
N PRO C 226 -28.40 -5.09 29.76
CA PRO C 226 -27.12 -5.48 30.37
C PRO C 226 -26.45 -6.61 29.61
N ILE C 227 -25.14 -6.77 29.73
CA ILE C 227 -24.40 -7.87 29.09
C ILE C 227 -24.12 -9.12 29.94
N GLN C 228 -24.42 -10.29 29.39
CA GLN C 228 -24.30 -11.55 30.10
C GLN C 228 -23.70 -12.65 29.22
N GLY C 229 -22.41 -12.59 28.96
CA GLY C 229 -21.80 -13.55 28.06
C GLY C 229 -20.83 -14.55 28.67
N THR C 230 -21.14 -15.83 28.49
CA THR C 230 -20.26 -16.93 28.89
C THR C 230 -19.69 -17.65 27.68
N GLU C 231 -19.85 -17.04 26.51
CA GLU C 231 -19.59 -17.69 25.23
C GLU C 231 -18.18 -17.44 24.68
N TYR C 232 -17.30 -16.86 25.50
CA TYR C 232 -15.99 -16.42 25.03
C TYR C 232 -15.13 -17.56 24.50
N SER C 233 -14.43 -17.27 23.40
CA SER C 233 -13.54 -18.21 22.74
C SER C 233 -12.21 -17.52 22.51
N ALA C 234 -11.16 -18.30 22.27
CA ALA C 234 -9.83 -17.74 22.13
C ALA C 234 -9.83 -16.77 20.96
N GLU C 235 -10.53 -17.12 19.89
CA GLU C 235 -10.67 -16.24 18.75
C GLU C 235 -11.50 -15.01 19.10
N SER C 236 -12.56 -15.21 19.88
CA SER C 236 -13.41 -14.10 20.29
C SER C 236 -12.60 -13.15 21.17
N LEU C 237 -11.79 -13.73 22.04
CA LEU C 237 -10.95 -12.94 22.94
C LEU C 237 -9.93 -12.12 22.17
N VAL C 238 -9.32 -12.70 21.14
CA VAL C 238 -8.38 -11.93 20.34
C VAL C 238 -9.11 -10.80 19.62
N ARG C 239 -10.31 -11.12 19.13
CA ARG C 239 -11.16 -10.14 18.45
C ARG C 239 -11.60 -9.01 19.38
N ASN C 240 -11.95 -9.35 20.62
CA ASN C 240 -12.43 -8.35 21.57
C ASN C 240 -11.30 -7.51 22.10
N LEU C 241 -10.17 -8.16 22.33
CA LEU C 241 -8.97 -7.51 22.81
C LEU C 241 -8.47 -6.52 21.78
N GLN C 242 -8.55 -6.92 20.52
CA GLN C 242 -8.14 -6.04 19.44
C GLN C 242 -9.02 -4.81 19.49
N TRP C 243 -10.31 -5.01 19.70
CA TRP C 243 -11.24 -3.89 19.78
C TRP C 243 -10.88 -2.95 20.90
N ALA C 244 -10.57 -3.54 22.05
CA ALA C 244 -10.19 -2.76 23.23
C ALA C 244 -8.91 -1.96 23.00
N LYS C 245 -7.95 -2.59 22.33
CA LYS C 245 -6.68 -1.94 21.99
C LYS C 245 -6.87 -0.75 21.06
N ALA C 246 -7.77 -0.90 20.10
CA ALA C 246 -8.01 0.13 19.08
C ALA C 246 -8.49 1.42 19.71
N HIS C 247 -9.35 1.30 20.73
CA HIS C 247 -9.88 2.46 21.43
C HIS C 247 -8.75 3.24 22.10
N GLU C 248 -7.78 2.51 22.64
CA GLU C 248 -6.66 3.13 23.35
C GLU C 248 -5.80 4.00 22.44
N LEU C 249 -5.36 5.13 22.99
CA LEU C 249 -4.53 6.10 22.26
C LEU C 249 -3.12 5.93 22.78
N PRO C 250 -2.11 6.22 21.97
CA PRO C 250 -0.76 5.88 22.45
C PRO C 250 -0.42 6.79 23.63
N GLU C 251 0.33 6.23 24.56
CA GLU C 251 0.71 6.90 25.80
C GLU C 251 1.58 8.13 25.48
N SER C 252 1.35 9.21 26.22
CA SER C 252 2.07 10.47 26.04
C SER C 252 3.56 10.35 26.39
N MET C 253 4.40 11.03 25.62
CA MET C 253 5.84 10.91 25.83
C MET C 253 6.68 12.21 25.93
N CYS C 254 7.59 12.25 26.89
CA CYS C 254 8.49 13.39 27.00
C CYS C 254 9.78 13.08 26.28
N LEU C 255 10.07 13.83 25.21
CA LEU C 255 11.29 13.58 24.46
C LEU C 255 12.41 14.48 25.00
N LYS C 256 13.53 13.85 25.31
CA LYS C 256 14.71 14.57 25.76
C LYS C 256 15.68 14.66 24.60
N PHE C 257 16.06 15.88 24.24
CA PHE C 257 17.06 16.11 23.20
C PHE C 257 18.47 16.31 23.76
N ASP C 258 19.47 15.94 22.96
CA ASP C 258 20.87 16.04 23.37
C ASP C 258 21.20 17.39 23.92
N CYS C 259 20.65 18.43 23.30
CA CYS C 259 20.88 19.81 23.73
C CYS C 259 20.20 20.17 25.06
N GLY C 260 19.39 19.25 25.59
CA GLY C 260 18.81 19.47 26.89
C GLY C 260 17.35 19.92 26.92
N VAL C 261 16.81 20.35 25.78
CA VAL C 261 15.40 20.72 25.73
C VAL C 261 14.52 19.49 25.91
N GLN C 262 13.43 19.63 26.67
CA GLN C 262 12.46 18.56 26.77
C GLN C 262 11.17 19.01 26.13
N ILE C 263 10.67 18.20 25.22
CA ILE C 263 9.41 18.53 24.57
C ILE C 263 8.35 17.43 24.75
N GLN C 264 7.13 17.86 25.00
CA GLN C 264 6.02 16.95 25.31
C GLN C 264 5.20 16.56 24.09
N LEU C 265 5.10 15.26 23.86
CA LEU C 265 4.28 14.71 22.77
C LEU C 265 3.00 14.10 23.32
N GLY C 266 1.87 14.66 22.90
CA GLY C 266 0.56 14.21 23.35
C GLY C 266 -0.37 13.71 22.26
N PHE C 267 -1.33 12.88 22.65
CA PHE C 267 -2.30 12.28 21.70
C PHE C 267 -3.76 12.37 22.13
N ALA C 268 -4.62 12.64 21.15
CA ALA C 268 -6.04 12.79 21.39
C ALA C 268 -6.83 12.13 20.26
N ALA C 269 -7.90 11.40 20.61
CA ALA C 269 -8.76 10.72 19.63
C ALA C 269 -10.02 11.52 19.32
N GLU C 270 -10.32 11.71 18.04
CA GLU C 270 -11.61 12.31 17.70
C GLU C 270 -12.59 11.23 17.21
N PHE C 271 -12.09 10.32 16.36
CA PHE C 271 -12.79 9.15 15.90
C PHE C 271 -11.81 8.00 15.90
N SER C 272 -12.29 6.79 15.60
CA SER C 272 -11.42 5.62 15.55
C SER C 272 -10.37 5.70 14.44
N ASN C 273 -10.56 6.58 13.47
CA ASN C 273 -9.56 6.75 12.40
C ASN C 273 -9.09 8.19 12.32
N VAL C 274 -9.31 8.94 13.38
CA VAL C 274 -8.92 10.34 13.43
C VAL C 274 -8.24 10.63 14.77
N MET C 275 -6.94 10.87 14.71
CA MET C 275 -6.14 11.14 15.89
C MET C 275 -5.47 12.49 15.79
N ILE C 276 -5.42 13.21 16.91
CA ILE C 276 -4.67 14.45 16.94
C ILE C 276 -3.39 14.34 17.77
N ILE C 277 -2.28 14.78 17.19
CA ILE C 277 -0.99 14.87 17.87
C ILE C 277 -0.68 16.28 18.25
N TYR C 278 -0.30 16.49 19.50
CA TYR C 278 0.13 17.81 19.91
C TYR C 278 1.53 17.84 20.60
N THR C 279 2.33 18.86 20.26
CA THR C 279 3.66 19.00 20.84
C THR C 279 3.76 20.34 21.54
N SER C 280 4.54 20.37 22.63
CA SER C 280 4.92 21.63 23.29
C SER C 280 6.31 21.52 23.92
N ILE C 281 6.97 22.66 24.13
CA ILE C 281 8.28 22.62 24.76
C ILE C 281 8.13 22.75 26.27
N VAL C 282 8.22 21.62 26.95
CA VAL C 282 8.11 21.59 28.40
C VAL C 282 9.26 22.34 29.06
N TYR C 283 10.46 22.16 28.50
CA TYR C 283 11.65 22.78 29.07
C TYR C 283 12.61 23.29 27.98
N LYS C 284 13.37 24.32 28.34
CA LYS C 284 14.42 24.85 27.51
C LYS C 284 15.53 25.40 28.40
N PRO C 285 16.75 24.93 28.24
CA PRO C 285 17.90 25.52 28.98
C PRO C 285 18.24 26.95 28.53
N PRO C 286 18.61 27.82 29.49
CA PRO C 286 18.85 29.22 29.14
C PRO C 286 19.96 29.42 28.08
N GLU C 287 20.86 28.46 27.91
CA GLU C 287 21.88 28.56 26.85
C GLU C 287 21.25 28.57 25.43
N ILE C 288 20.05 28.02 25.30
CA ILE C 288 19.32 28.01 24.02
C ILE C 288 18.33 29.18 23.99
N ILE C 289 18.49 30.05 22.99
CA ILE C 289 17.77 31.32 23.01
C ILE C 289 16.45 31.22 22.23
N MET C 290 16.47 30.40 21.20
CA MET C 290 15.26 30.03 20.48
C MET C 290 15.30 28.56 20.08
N CYS C 291 14.15 27.90 20.15
CA CYS C 291 13.94 26.61 19.55
C CYS C 291 12.50 26.39 19.10
N ASP C 292 12.34 25.52 18.11
CA ASP C 292 11.04 25.15 17.62
C ASP C 292 10.90 23.67 17.53
N ALA C 293 9.76 23.12 17.90
CA ALA C 293 9.55 21.70 17.76
C ALA C 293 8.40 21.46 16.83
N TYR C 294 8.53 20.50 15.92
CA TYR C 294 7.46 20.25 14.97
C TYR C 294 7.59 18.84 14.39
N VAL C 295 6.49 18.27 13.90
CA VAL C 295 6.50 16.90 13.40
C VAL C 295 6.51 16.85 11.88
N THR C 296 7.03 15.76 11.34
CA THR C 296 7.21 15.64 9.90
C THR C 296 7.47 14.22 9.50
N ASP C 297 7.62 14.01 8.20
CA ASP C 297 7.90 12.68 7.66
C ASP C 297 6.90 11.63 8.08
N PHE C 298 5.62 11.94 7.94
CA PHE C 298 4.61 10.91 8.19
C PHE C 298 4.67 9.88 7.08
N PRO C 299 4.20 8.65 7.36
CA PRO C 299 4.18 7.66 6.27
C PRO C 299 3.39 8.20 5.08
N LEU C 300 3.77 7.80 3.87
CA LEU C 300 3.12 8.30 2.66
C LEU C 300 1.61 8.09 2.63
N ASP C 301 1.18 6.92 3.09
CA ASP C 301 -0.23 6.54 3.01
C ASP C 301 -1.20 7.48 3.70
N LEU C 302 -0.76 8.10 4.78
CA LEU C 302 -1.63 8.99 5.55
C LEU C 302 -1.92 10.28 4.79
N ASP C 303 -1.16 10.52 3.72
CA ASP C 303 -1.36 11.63 2.79
C ASP C 303 -1.70 12.94 3.48
N ILE C 304 -0.94 13.29 4.52
CA ILE C 304 -1.20 14.49 5.29
C ILE C 304 -1.13 15.71 4.38
N ASP C 305 -2.12 16.60 4.53
CA ASP C 305 -2.18 17.82 3.75
C ASP C 305 -1.08 18.69 4.40
N PRO C 306 0.06 18.83 3.70
CA PRO C 306 1.37 19.27 4.25
C PRO C 306 1.41 20.63 4.93
N LYS C 307 0.57 21.55 4.50
CA LYS C 307 0.45 22.84 5.18
C LYS C 307 -0.49 22.76 6.38
N ASP C 308 -1.26 21.67 6.49
CA ASP C 308 -2.29 21.56 7.53
C ASP C 308 -1.81 20.83 8.79
N ALA C 309 -0.49 20.74 8.93
CA ALA C 309 0.13 20.14 10.12
C ALA C 309 0.84 21.22 10.93
N ASN C 310 1.06 20.95 12.22
CA ASN C 310 1.78 21.86 13.11
C ASN C 310 1.13 23.24 13.25
N LYS C 311 -0.11 23.29 13.75
CA LYS C 311 -0.84 24.55 13.82
C LYS C 311 -0.92 25.14 15.22
N GLY C 312 -1.19 26.43 15.30
CA GLY C 312 -1.37 27.13 16.55
C GLY C 312 -2.59 26.66 17.33
N THR C 313 -3.67 26.31 16.62
CA THR C 313 -4.91 25.83 17.25
C THR C 313 -5.39 24.48 16.67
N PRO C 314 -6.13 23.69 17.46
CA PRO C 314 -6.73 22.47 16.91
C PRO C 314 -7.63 22.78 15.72
N GLU C 315 -8.44 23.81 15.87
CA GLU C 315 -9.40 24.23 14.86
C GLU C 315 -8.77 24.41 13.48
N GLU C 316 -7.52 24.84 13.44
CA GLU C 316 -6.86 25.10 12.17
C GLU C 316 -6.58 23.81 11.40
N THR C 317 -6.74 22.68 12.08
CA THR C 317 -6.51 21.37 11.46
C THR C 317 -7.82 20.75 11.04
N GLY C 318 -8.93 21.44 11.31
CA GLY C 318 -10.25 20.90 10.99
C GLY C 318 -10.75 20.04 12.14
N SER C 319 -10.11 20.23 13.29
CA SER C 319 -10.49 19.55 14.53
C SER C 319 -11.30 20.45 15.45
N TYR C 320 -12.60 20.22 15.53
CA TYR C 320 -13.46 21.06 16.35
C TYR C 320 -13.98 20.31 17.56
N LEU C 321 -14.24 19.02 17.35
CA LEU C 321 -14.84 18.14 18.37
C LEU C 321 -13.96 17.87 19.58
N VAL C 322 -12.69 17.59 19.35
CA VAL C 322 -11.76 17.30 20.44
C VAL C 322 -11.06 18.56 20.92
N SER C 323 -11.41 19.68 20.30
CA SER C 323 -10.72 20.94 20.47
C SER C 323 -10.60 21.41 21.91
N LYS C 324 -11.67 21.24 22.68
CA LYS C 324 -11.66 21.59 24.10
C LYS C 324 -10.67 20.72 24.88
N ASP C 325 -10.63 19.44 24.53
CA ASP C 325 -9.93 18.43 25.31
C ASP C 325 -8.43 18.64 25.51
N LEU C 326 -7.75 19.05 24.45
CA LEU C 326 -6.29 19.11 24.39
C LEU C 326 -5.68 20.21 25.25
N PRO C 327 -4.42 20.06 25.61
CA PRO C 327 -3.75 21.09 26.41
C PRO C 327 -3.79 22.41 25.64
N LYS C 328 -3.95 23.51 26.37
CA LYS C 328 -4.27 24.79 25.78
C LYS C 328 -3.22 25.34 24.81
N HIS C 329 -1.94 25.22 25.16
CA HIS C 329 -0.90 25.69 24.25
C HIS C 329 -0.07 24.53 23.70
N CYS C 330 -0.22 24.27 22.40
CA CYS C 330 0.58 23.27 21.71
C CYS C 330 0.49 23.47 20.21
N LEU C 331 1.42 22.87 19.46
CA LEU C 331 1.24 22.74 18.03
C LEU C 331 0.41 21.50 17.72
N TYR C 332 -0.59 21.66 16.87
CA TYR C 332 -1.52 20.57 16.58
C TYR C 332 -1.44 20.05 15.15
N THR C 333 -1.31 18.73 15.03
CA THR C 333 -1.31 18.06 13.74
C THR C 333 -2.42 17.00 13.76
N ARG C 334 -3.23 16.98 12.73
CA ARG C 334 -4.36 16.07 12.68
C ARG C 334 -4.16 14.96 11.65
N LEU C 335 -4.33 13.72 12.09
CA LEU C 335 -4.20 12.56 11.21
C LEU C 335 -5.58 11.93 11.06
N SER C 336 -6.19 12.19 9.91
CA SER C 336 -7.55 11.79 9.67
C SER C 336 -7.74 10.57 8.81
N SER C 337 -6.67 9.86 8.50
CA SER C 337 -6.79 8.67 7.68
C SER C 337 -6.14 7.43 8.26
N LEU C 338 -6.30 7.21 9.55
CA LEU C 338 -5.58 6.15 10.20
C LEU C 338 -5.88 4.82 9.56
N GLN C 339 -7.08 4.63 9.07
CA GLN C 339 -7.45 3.39 8.45
C GLN C 339 -6.55 3.10 7.24
N LYS C 340 -6.11 4.15 6.58
CA LYS C 340 -5.27 3.99 5.41
C LYS C 340 -3.92 3.33 5.65
N LEU C 341 -3.29 3.62 6.78
CA LEU C 341 -1.93 3.22 7.05
C LEU C 341 -1.91 1.72 7.31
N LYS C 342 -0.96 1.07 6.67
CA LYS C 342 -0.68 -0.34 6.85
C LYS C 342 0.73 -0.64 7.34
N GLU C 343 1.44 0.41 7.74
CA GLU C 343 2.77 0.34 8.35
C GLU C 343 2.76 1.20 9.61
N HIS C 344 3.65 0.92 10.55
CA HIS C 344 3.58 1.54 11.86
C HIS C 344 3.51 3.06 11.70
N LEU C 345 2.93 3.75 12.68
CA LEU C 345 2.96 5.21 12.66
C LEU C 345 4.34 5.61 13.15
N VAL C 346 5.24 5.83 12.18
CA VAL C 346 6.58 6.29 12.47
C VAL C 346 6.73 7.71 11.92
N PHE C 347 6.98 8.66 12.81
CA PHE C 347 7.17 10.05 12.39
C PHE C 347 8.34 10.74 13.09
N THR C 348 8.63 11.98 12.71
CA THR C 348 9.84 12.64 13.20
C THR C 348 9.56 13.95 13.93
N VAL C 349 9.97 14.00 15.19
CA VAL C 349 9.97 15.24 15.92
C VAL C 349 11.30 15.95 15.64
N CYS C 350 11.20 17.10 14.97
CA CYS C 350 12.34 17.94 14.66
C CYS C 350 12.37 19.12 15.62
N LEU C 351 13.60 19.54 15.93
CA LEU C 351 13.85 20.62 16.85
C LEU C 351 14.84 21.53 16.16
N SER C 352 14.52 22.82 16.08
CA SER C 352 15.47 23.81 15.57
C SER C 352 15.79 24.72 16.71
N TYR C 353 17.08 24.98 16.96
CA TYR C 353 17.51 25.82 18.08
C TYR C 353 18.76 26.62 17.80
N GLN C 354 18.91 27.73 18.51
CA GLN C 354 20.15 28.46 18.50
C GLN C 354 20.65 28.58 19.93
N TYR C 355 21.93 28.26 20.14
CA TYR C 355 22.58 28.51 21.43
C TYR C 355 22.86 30.01 21.49
N SER C 356 22.77 30.59 22.68
CA SER C 356 23.05 32.00 22.79
C SER C 356 24.48 32.28 22.40
N GLY C 357 24.66 33.35 21.65
CA GLY C 357 25.98 33.83 21.31
C GLY C 357 26.61 33.16 20.11
N LEU C 358 25.90 32.24 19.50
CA LEU C 358 26.44 31.64 18.31
C LEU C 358 25.43 31.93 17.24
N GLU C 359 25.87 31.99 16.01
CA GLU C 359 25.00 32.46 14.94
C GLU C 359 24.36 31.37 14.10
N ASP C 360 24.54 30.12 14.49
CA ASP C 360 24.18 29.00 13.65
C ASP C 360 23.00 28.20 14.20
N THR C 361 21.91 28.14 13.44
CA THR C 361 20.76 27.32 13.78
C THR C 361 21.15 25.85 13.70
N VAL C 362 20.73 25.06 14.70
CA VAL C 362 20.96 23.63 14.75
C VAL C 362 19.65 22.87 14.62
N GLU C 363 19.68 21.78 13.87
CA GLU C 363 18.49 20.98 13.68
C GLU C 363 18.75 19.55 14.15
N ASP C 364 18.10 19.18 15.26
CA ASP C 364 18.19 17.80 15.75
C ASP C 364 16.83 17.12 15.66
N LYS C 365 16.83 15.80 15.50
CA LYS C 365 15.56 15.15 15.33
C LYS C 365 15.54 13.69 15.76
N GLN C 366 14.41 13.30 16.34
CA GLN C 366 14.21 11.92 16.74
C GLN C 366 12.88 11.30 16.28
N GLU C 367 12.99 10.05 15.85
CA GLU C 367 11.88 9.27 15.33
C GLU C 367 11.05 8.64 16.43
N VAL C 368 9.77 8.98 16.46
CA VAL C 368 8.79 8.36 17.31
C VAL C 368 8.09 7.26 16.52
N ASN C 369 7.80 6.16 17.20
CA ASN C 369 7.09 5.02 16.62
C ASN C 369 5.99 4.57 17.58
N VAL C 370 4.76 5.00 17.32
CA VAL C 370 3.64 4.62 18.19
C VAL C 370 2.90 3.39 17.66
N GLY C 371 3.60 2.63 16.82
CA GLY C 371 3.06 1.43 16.22
C GLY C 371 1.82 1.74 15.41
N LYS C 372 0.79 0.92 15.63
CA LYS C 372 -0.47 1.05 14.93
C LYS C 372 -1.43 1.64 15.94
N PRO C 373 -1.93 2.83 15.64
CA PRO C 373 -2.74 3.59 16.58
C PRO C 373 -4.25 3.49 16.33
N LEU C 374 -4.99 3.27 17.41
CA LEU C 374 -6.45 3.19 17.36
C LEU C 374 -6.97 2.05 16.47
N ILE C 375 -7.89 2.34 15.56
CA ILE C 375 -8.57 1.32 14.77
C ILE C 375 -7.61 0.54 13.88
N ALA C 376 -6.66 1.23 13.27
CA ALA C 376 -5.72 0.57 12.37
C ALA C 376 -5.25 -0.77 12.91
N LYS C 377 -5.24 -0.90 14.23
CA LYS C 377 -4.72 -2.10 14.85
C LYS C 377 -5.52 -3.29 14.36
N LEU C 378 -6.84 -3.12 14.21
CA LEU C 378 -7.66 -4.18 13.61
C LEU C 378 -7.36 -4.75 12.22
N ASP C 379 -7.17 -3.92 11.19
CA ASP C 379 -7.39 -4.35 9.81
C ASP C 379 -6.57 -3.76 8.69
N MET C 380 -6.63 -4.45 7.54
CA MET C 380 -6.25 -3.92 6.25
C MET C 380 -7.45 -3.82 5.30
C ALA D 1 -31.42 25.09 4.99
N LEU D 2 -31.66 24.11 4.12
CA LEU D 2 -31.45 22.69 4.43
C LEU D 2 -30.53 22.03 3.40
N ARG D 3 -29.56 21.24 3.88
CA ARG D 3 -28.72 20.47 2.97
C ARG D 3 -29.19 19.02 2.88
N SER D 4 -29.38 18.55 1.66
CA SER D 4 -29.82 17.19 1.43
C SER D 4 -28.69 16.17 1.43
N 4AR D 5 -28.97 15.02 2.03
CA 4AR D 5 -28.03 13.91 2.08
C 4AR D 5 -28.22 12.95 0.92
O 4AR D 5 -28.13 11.74 1.10
C3 4AR D 5 -28.12 13.20 3.44
C4 4AR D 5 -27.67 14.12 4.59
C5 4AR D 5 -27.49 13.42 5.93
N2 4AR D 5 -26.73 14.24 6.86
C6 4AR D 5 -26.45 13.87 8.12
N3 4AR D 5 -25.73 14.65 8.93
N4 4AR D 5 -26.91 12.70 8.56
C7 4AR D 5 -30.09 13.02 1.35
C ACT E . -6.26 -19.59 -12.24
O ACT E . -6.21 -20.84 -12.34
OXT ACT E . -6.42 -19.04 -11.15
CH3 ACT E . -6.13 -18.73 -13.43
C ACT F . 9.78 -33.75 -11.90
O ACT F . 9.68 -32.75 -11.15
OXT ACT F . 10.74 -33.90 -12.68
CH3 ACT F . 8.72 -34.80 -11.85
C ACT G . 2.94 -4.71 -1.35
O ACT G . 1.93 -4.58 -2.04
OXT ACT G . 3.17 -5.77 -0.76
CH3 ACT G . 3.89 -3.57 -1.21
C ACT H . 1.14 -9.09 0.14
O ACT H . 2.14 -9.29 -0.51
OXT ACT H . 0.41 -8.12 -0.10
CH3 ACT H . 0.79 -10.05 1.23
C ACT I . -7.84 -11.26 -32.02
O ACT I . -8.41 -12.29 -31.60
OXT ACT I . -7.89 -10.19 -31.41
CH3 ACT I . -7.07 -11.30 -33.30
C ACT J . -19.85 -5.72 2.40
O ACT J . -19.36 -5.82 3.55
OXT ACT J . -19.32 -5.06 1.48
CH3 ACT J . -21.14 -6.41 2.11
C ACT K . -26.33 11.89 -4.83
O ACT K . -26.23 12.74 -3.95
OXT ACT K . -25.83 10.78 -4.72
CH3 ACT K . -27.08 12.22 -6.07
C ACT L . -10.94 0.19 7.55
O ACT L . -11.53 1.06 6.88
OXT ACT L . -11.55 -0.62 8.27
CH3 ACT L . -9.44 0.12 7.49
C ACT M . -33.99 -3.66 31.75
O ACT M . -35.14 -3.29 31.97
OXT ACT M . -33.10 -2.85 31.47
CH3 ACT M . -33.65 -5.11 31.77
C ACT N . -8.14 -8.84 12.08
O ACT N . -9.01 -9.74 12.08
OXT ACT N . -7.69 -8.38 13.16
CH3 ACT N . -7.63 -8.31 10.79
#